data_7VV5
#
_entry.id   7VV5
#
_cell.length_a   1.00
_cell.length_b   1.00
_cell.length_c   1.00
_cell.angle_alpha   90.00
_cell.angle_beta   90.00
_cell.angle_gamma   90.00
#
_symmetry.space_group_name_H-M   'P 1'
#
loop_
_entity.id
_entity.type
_entity.pdbx_description
1 polymer 'Guanine nucleotide-binding protein G(i) subunit alpha-1'
2 polymer 'Guanine nucleotide-binding protein G(I)/G(S)/G(T) subunit beta-1'
3 polymer 'Guanine nucleotide-binding protein G(I)/G(S)/G(O) subunit gamma-2'
4 polymer scFv
5 polymer 'Mas-related G-protein coupled receptor member X2'
6 non-polymer CHOLESTEROL
7 non-polymer 2-[4-methoxy-3-[[2-methoxy-3-[[2-methoxy-5-[2-(methylamino)ethyl]phenyl]methyl]-5-[2-(methylamino)ethyl]phenyl]methyl]phenyl]-~{N}-methyl-ethanamine
#
loop_
_entity_poly.entity_id
_entity_poly.type
_entity_poly.pdbx_seq_one_letter_code
_entity_poly.pdbx_strand_id
1 'polypeptide(L)'
;MGCTLSAEDKAAVERSKMIDRNLREDGEKAAREVKLLLLGAGESGKSTIVKQMKIIHEAGYSEEECKQYKAVVYSNTIQS
IIAIIRAMGRLKIDFGDSARADDARQLFVLAGAAEEGFMTAELAGVIKRLWKDSGVQACFNRSREYQLNDSAAYYLNDLD
RIAQPNYIPTQQDVLRTRVKTTGIVETHFTFKDLHFKMFDVGGQRSERKKWIHCFEGVTAIIFCVALSDYDLVLAEDEEM
NRMHESMKLFDSICNNKWFTDTSIILFLNKKDLFEEKIKKSPLTICYPEYAGSNTYEEAAAYIQCQFEDLNKRKDTKEIY
THFTCATDTKNVQFVFDAVTDVIIKNNLKDCGLF
;
A
2 'polypeptide(L)'
;MHHHHHHLEVLFQGPGSSGSELDQLRQEAEQLKNQIRDARKACADATLSQITNNIDPVGRIQMRTRRTLRGHLAKIYAMH
WGTDSRLLVSASQDGKLIIWDSYTTNKVHAIPLRSSWVMTCAYAPSGNYVACGGLDNICSIYNLKTREGNVRVSRELAGH
TGYLSCCRFLDDNQIVTSSGDTTCALWDIETGQQTTTFTGHTGDVMSLSLAPDTRLFVSGACDASAKLWDVREGMCRQTF
TGHESDINAICFFPNGNAFATGSDDATCRLFDLRADQELMTYSHDNIICGITSVSFSKSGRLLLAGYDDFNCNVWDALKA
DRAGVLAGHDNRVSCLGVTDDGMAVATGSWDSFLKIWN
;
B
3 'polypeptide(L)' NTASIAQARKLVEQLKMEANIDRIKVSKAAADLMAYCEAHAKEDPLLTPVPASENPFR G
4 'polypeptide(L)'
;MLLVNQSHQGFNKEHTSKMVSAIVLYVLLAAAAHSAFAVQLVESGGGLVQPGGSRKLSCSASGFAFSSFGMHWVRQAPEK
GLEWVAYISSGSGTIYYADTVKGRFTISRDDPKNTLFLQMTSLRSEDTAMYYCVRSIYYYGSSPFDFWGQGTTLTVSAGG
GGSGGGGSGGGGSADIVMTQATSSVPVTPGESVSISCRSSKSLLHSNGNTYLYWFLQRPGQSPQLLIYRMSNLASGVPDR
FSGSGSGTAFTLTISRLEAEDVGVYYCMQHLEYPLTFGAGTKLEL
;
S
5 'polypeptide(L)'
;MDPTTPAWGTESTTVNGNDQALLLLCGKETLIPVFLILFIALVGLVGNGFVLWLLGFRMRRNAFSVYVLSLAGADFLFLC
FQIINCLVYLSNFFCSISINFPSFFTTVMTCAYLAGLSMLSTVSTERCLSVLWPIWYRCRRPRHLSAVVCVLLWALSLLL
SILEGKFCGFLFSDGDSGWCQTFDFITAAWLIFLFMVLCGSSLALLVRILCGSRGLPLTRLYLTILLTVLVFLLCGLPFG
IQWFLILWIWKDSDVLFCHIHPVSVVLSSLNSSANPIIYFFVGSFRKQWRLQQPILKLALQRALQDIAEVDHSEGCFRQG
TPEMSRSSLV
;
R
#
loop_
_chem_comp.id
_chem_comp.type
_chem_comp.name
_chem_comp.formula
6IB non-polymer 2-[4-methoxy-3-[[2-methoxy-3-[[2-methoxy-5-[2-(methylamino)ethyl]phenyl]methyl]-5-[2-(methylamino)ethyl]phenyl]methyl]phenyl]-~{N}-methyl-ethanamine 'C32 H45 N3 O3'
CLR non-polymer CHOLESTEROL 'C27 H46 O'
#
# COMPACT_ATOMS: atom_id res chain seq x y z
N CYS A 3 -10.76 11.99 -20.85
CA CYS A 3 -9.53 12.26 -21.58
C CYS A 3 -9.10 13.70 -21.45
N THR A 4 -9.45 14.34 -20.34
CA THR A 4 -9.14 15.74 -20.09
C THR A 4 -7.84 15.91 -19.31
N LEU A 5 -6.78 15.27 -19.80
CA LEU A 5 -5.47 15.34 -19.20
C LEU A 5 -4.50 16.06 -20.12
N SER A 6 -3.41 16.53 -19.54
CA SER A 6 -2.36 17.14 -20.34
C SER A 6 -1.44 16.05 -20.88
N ALA A 7 -0.40 16.46 -21.57
CA ALA A 7 0.62 15.52 -22.01
C ALA A 7 1.44 15.04 -20.83
N GLU A 8 1.78 15.95 -19.93
CA GLU A 8 2.57 15.62 -18.75
C GLU A 8 1.75 14.89 -17.71
N ASP A 9 0.45 15.17 -17.64
CA ASP A 9 -0.41 14.43 -16.74
C ASP A 9 -0.59 12.99 -17.19
N LYS A 10 -0.64 12.78 -18.51
CA LYS A 10 -0.70 11.43 -19.05
C LYS A 10 0.60 10.68 -18.84
N ALA A 11 1.72 11.37 -18.93
CA ALA A 11 2.99 10.71 -18.68
C ALA A 11 3.20 10.44 -17.19
N ALA A 12 2.60 11.24 -16.33
CA ALA A 12 2.62 10.94 -14.89
C ALA A 12 1.74 9.75 -14.55
N VAL A 13 0.62 9.59 -15.27
CA VAL A 13 -0.23 8.42 -15.08
C VAL A 13 0.49 7.16 -15.58
N GLU A 14 1.28 7.29 -16.64
CA GLU A 14 2.07 6.16 -17.12
C GLU A 14 3.19 5.79 -16.15
N ARG A 15 3.82 6.79 -15.53
CA ARG A 15 4.81 6.56 -14.49
C ARG A 15 4.21 5.87 -13.27
N SER A 16 3.00 6.29 -12.86
CA SER A 16 2.35 5.70 -11.71
C SER A 16 1.91 4.26 -11.99
N LYS A 17 1.55 3.95 -13.23
CA LYS A 17 1.21 2.57 -13.59
C LYS A 17 2.44 1.69 -13.68
N MET A 18 3.59 2.23 -14.09
CA MET A 18 4.82 1.44 -14.05
C MET A 18 5.28 1.17 -12.62
N ILE A 19 5.07 2.16 -11.74
CA ILE A 19 5.33 1.98 -10.32
C ILE A 19 4.41 0.92 -9.73
N ASP A 20 3.14 0.93 -10.13
CA ASP A 20 2.17 -0.09 -9.72
C ASP A 20 2.53 -1.48 -10.21
N ARG A 21 3.11 -1.57 -11.41
CA ARG A 21 3.57 -2.85 -11.94
C ARG A 21 4.74 -3.40 -11.15
N ASN A 22 5.69 -2.55 -10.79
CA ASN A 22 6.82 -2.98 -9.98
C ASN A 22 6.41 -3.32 -8.55
N LEU A 23 5.39 -2.63 -8.04
CA LEU A 23 4.89 -2.92 -6.69
C LEU A 23 4.17 -4.25 -6.65
N ARG A 24 3.39 -4.52 -7.69
CA ARG A 24 2.69 -5.80 -7.81
C ARG A 24 3.67 -6.96 -7.95
N GLU A 25 4.74 -6.77 -8.74
CA GLU A 25 5.71 -7.83 -8.92
C GLU A 25 6.54 -8.07 -7.67
N ASP A 26 6.87 -7.01 -6.94
CA ASP A 26 7.61 -7.20 -5.69
C ASP A 26 6.74 -7.78 -4.59
N GLY A 27 5.44 -7.49 -4.60
CA GLY A 27 4.55 -8.14 -3.66
C GLY A 27 4.30 -9.59 -3.98
N GLU A 28 4.31 -9.95 -5.26
CA GLU A 28 4.24 -11.35 -5.64
C GLU A 28 5.50 -12.10 -5.25
N LYS A 29 6.65 -11.46 -5.40
CA LYS A 29 7.91 -12.10 -4.99
C LYS A 29 8.02 -12.19 -3.47
N ALA A 30 7.45 -11.24 -2.74
CA ALA A 30 7.48 -11.35 -1.29
C ALA A 30 6.42 -12.30 -0.76
N ALA A 31 5.37 -12.57 -1.54
CA ALA A 31 4.27 -13.38 -1.05
C ALA A 31 4.62 -14.86 -1.00
N ARG A 32 5.60 -15.29 -1.78
CA ARG A 32 6.01 -16.69 -1.79
C ARG A 32 7.22 -16.95 -0.91
N GLU A 33 7.37 -16.17 0.14
CA GLU A 33 8.48 -16.32 1.05
C GLU A 33 7.94 -16.66 2.43
N VAL A 34 8.58 -17.62 3.09
CA VAL A 34 8.15 -18.07 4.40
C VAL A 34 8.86 -17.21 5.44
N LYS A 35 8.10 -16.54 6.27
CA LYS A 35 8.62 -15.64 7.28
C LYS A 35 8.49 -16.31 8.64
N LEU A 36 9.58 -16.37 9.38
CA LEU A 36 9.60 -17.08 10.65
C LEU A 36 10.09 -16.16 11.76
N LEU A 37 9.28 -15.99 12.79
CA LEU A 37 9.75 -15.38 14.01
C LEU A 37 10.61 -16.37 14.77
N LEU A 38 11.69 -15.88 15.37
CA LEU A 38 12.55 -16.71 16.20
C LEU A 38 12.55 -16.12 17.59
N LEU A 39 11.91 -16.79 18.53
CA LEU A 39 11.78 -16.30 19.89
C LEU A 39 12.51 -17.23 20.84
N GLY A 40 12.28 -17.01 22.12
CA GLY A 40 12.96 -17.78 23.15
C GLY A 40 13.72 -16.83 24.04
N ALA A 41 14.00 -17.27 25.26
CA ALA A 41 14.74 -16.44 26.18
C ALA A 41 16.24 -16.53 25.90
N GLY A 42 17.02 -15.95 26.80
CA GLY A 42 18.46 -16.02 26.67
C GLY A 42 18.97 -17.41 27.00
N GLU A 43 20.11 -17.75 26.38
CA GLU A 43 20.81 -19.05 26.47
C GLU A 43 19.92 -20.24 26.09
N SER A 44 18.95 -20.04 25.20
CA SER A 44 18.00 -21.08 24.86
C SER A 44 18.37 -21.81 23.59
N GLY A 45 19.55 -21.54 23.05
CA GLY A 45 19.96 -22.20 21.83
C GLY A 45 19.35 -21.63 20.57
N LYS A 46 19.03 -20.33 20.54
CA LYS A 46 18.61 -19.72 19.28
C LYS A 46 19.78 -19.61 18.33
N SER A 47 20.98 -19.36 18.87
CA SER A 47 22.15 -19.09 18.04
C SER A 47 22.63 -20.35 17.34
N THR A 48 22.53 -21.50 18.01
CA THR A 48 22.89 -22.75 17.34
C THR A 48 21.83 -23.18 16.34
N ILE A 49 20.60 -22.69 16.47
CA ILE A 49 19.60 -22.97 15.44
C ILE A 49 19.86 -22.13 14.20
N VAL A 50 20.23 -20.85 14.38
CA VAL A 50 20.67 -20.03 13.24
C VAL A 50 21.99 -20.54 12.64
N LYS A 51 22.82 -21.20 13.45
CA LYS A 51 23.93 -21.99 12.93
C LYS A 51 23.43 -23.18 12.10
N GLN A 52 22.32 -23.80 12.52
CA GLN A 52 21.88 -25.03 11.87
C GLN A 52 21.15 -24.79 10.55
N MET A 53 20.47 -23.66 10.41
CA MET A 53 19.62 -23.49 9.21
C MET A 53 20.45 -23.11 7.99
N LYS A 54 21.24 -22.03 8.09
CA LYS A 54 21.99 -21.57 6.93
C LYS A 54 23.20 -22.44 6.66
N ILE A 55 24.00 -22.73 7.69
CA ILE A 55 25.16 -23.58 7.54
C ILE A 55 24.78 -25.04 7.79
N THR A 182 22.21 -4.99 17.39
CA THR A 182 21.29 -3.86 17.30
C THR A 182 20.17 -4.10 16.29
N GLY A 183 18.94 -3.98 16.75
CA GLY A 183 17.79 -4.11 15.90
C GLY A 183 17.35 -5.54 15.69
N ILE A 184 16.63 -5.72 14.59
CA ILE A 184 16.15 -7.04 14.22
C ILE A 184 17.15 -7.69 13.27
N VAL A 185 17.46 -8.95 13.50
CA VAL A 185 18.44 -9.70 12.71
C VAL A 185 17.67 -10.61 11.77
N GLU A 186 17.88 -10.44 10.48
CA GLU A 186 17.22 -11.22 9.45
C GLU A 186 18.16 -12.30 8.96
N THR A 187 17.64 -13.50 8.76
CA THR A 187 18.43 -14.63 8.27
C THR A 187 17.67 -15.28 7.12
N HIS A 188 18.35 -15.44 6.00
CA HIS A 188 17.76 -16.04 4.81
C HIS A 188 18.34 -17.41 4.58
N PHE A 189 17.48 -18.36 4.23
CA PHE A 189 17.95 -19.65 3.74
C PHE A 189 16.89 -20.21 2.82
N THR A 190 17.34 -20.94 1.81
CA THR A 190 16.46 -21.65 0.90
C THR A 190 16.60 -23.14 1.15
N PHE A 191 15.47 -23.81 1.27
CA PHE A 191 15.46 -25.25 1.54
C PHE A 191 14.34 -25.88 0.73
N LYS A 192 14.73 -26.56 -0.36
CA LYS A 192 13.86 -27.38 -1.20
C LYS A 192 12.70 -26.59 -1.77
N ASP A 193 13.05 -25.63 -2.65
CA ASP A 193 12.22 -24.73 -3.46
C ASP A 193 11.57 -23.62 -2.62
N LEU A 194 11.86 -23.56 -1.32
CA LEU A 194 11.18 -22.65 -0.40
C LEU A 194 12.20 -21.67 0.17
N HIS A 195 11.98 -20.38 -0.05
CA HIS A 195 12.84 -19.35 0.52
C HIS A 195 12.32 -18.95 1.87
N PHE A 196 13.17 -18.99 2.88
CA PHE A 196 12.79 -18.67 4.25
C PHE A 196 13.46 -17.37 4.67
N LYS A 197 12.77 -16.62 5.50
CA LYS A 197 13.34 -15.48 6.20
C LYS A 197 13.10 -15.68 7.68
N MET A 198 14.15 -15.71 8.46
CA MET A 198 14.05 -15.92 9.89
C MET A 198 14.42 -14.63 10.60
N PHE A 199 13.53 -14.13 11.45
CA PHE A 199 13.74 -12.88 12.17
C PHE A 199 14.06 -13.18 13.61
N ASP A 200 15.24 -12.80 14.05
CA ASP A 200 15.57 -12.86 15.47
C ASP A 200 15.35 -11.47 16.06
N VAL A 201 14.48 -11.37 17.07
CA VAL A 201 14.18 -10.11 17.69
C VAL A 201 14.68 -10.07 19.14
N GLY A 202 15.72 -10.83 19.45
CA GLY A 202 16.22 -10.85 20.80
C GLY A 202 17.04 -9.64 21.19
N GLY A 203 17.47 -8.85 20.20
CA GLY A 203 18.34 -7.72 20.50
C GLY A 203 17.62 -6.55 21.13
N GLN A 204 16.34 -6.37 20.85
CA GLN A 204 15.64 -5.16 21.25
C GLN A 204 15.10 -5.29 22.66
N ARG A 205 15.70 -4.54 23.58
CA ARG A 205 15.33 -4.52 24.98
C ARG A 205 14.23 -3.48 25.15
N SER A 206 13.02 -3.82 24.76
CA SER A 206 11.93 -2.86 24.76
C SER A 206 10.69 -3.58 25.26
N GLU A 207 9.61 -2.83 25.43
CA GLU A 207 8.34 -3.45 25.74
C GLU A 207 7.82 -4.14 24.49
N ARG A 208 7.60 -5.45 24.60
CA ARG A 208 7.37 -6.29 23.43
C ARG A 208 6.01 -6.04 22.82
N LYS A 209 5.04 -5.59 23.61
CA LYS A 209 3.68 -5.39 23.12
C LYS A 209 3.53 -4.19 22.21
N LYS A 210 4.55 -3.36 22.07
CA LYS A 210 4.50 -2.22 21.19
C LYS A 210 4.93 -2.55 19.77
N TRP A 211 5.60 -3.68 19.56
CA TRP A 211 6.02 -4.08 18.24
C TRP A 211 5.73 -5.53 17.89
N ILE A 212 5.01 -6.27 18.72
CA ILE A 212 4.81 -7.68 18.41
C ILE A 212 3.72 -7.85 17.35
N HIS A 213 2.91 -6.81 17.12
CA HIS A 213 1.93 -6.86 16.05
C HIS A 213 2.53 -6.67 14.67
N CYS A 214 3.80 -6.29 14.60
CA CYS A 214 4.50 -6.21 13.33
C CYS A 214 4.67 -7.58 12.70
N PHE A 215 4.74 -8.63 13.51
CA PHE A 215 4.90 -9.99 13.06
C PHE A 215 3.60 -10.75 13.05
N GLU A 216 2.48 -10.05 13.06
CA GLU A 216 1.21 -10.67 12.77
C GLU A 216 1.18 -11.02 11.29
N GLY A 217 0.87 -12.28 10.99
CA GLY A 217 0.96 -12.74 9.63
C GLY A 217 2.28 -13.39 9.29
N VAL A 218 3.15 -13.59 10.28
CA VAL A 218 4.31 -14.44 10.10
C VAL A 218 3.82 -15.90 10.00
N THR A 219 4.60 -16.72 9.28
CA THR A 219 4.13 -18.06 8.91
C THR A 219 4.15 -19.00 10.12
N ALA A 220 5.25 -19.02 10.84
CA ALA A 220 5.35 -19.80 12.04
C ALA A 220 6.16 -19.02 13.05
N ILE A 221 6.16 -19.48 14.29
CA ILE A 221 7.01 -18.93 15.34
C ILE A 221 7.90 -20.06 15.83
N ILE A 222 9.21 -19.91 15.66
CA ILE A 222 10.16 -20.88 16.15
C ILE A 222 10.54 -20.47 17.57
N PHE A 223 10.27 -21.33 18.54
CA PHE A 223 10.52 -21.06 19.94
C PHE A 223 11.60 -21.99 20.43
N CYS A 224 12.73 -21.45 20.83
CA CYS A 224 13.83 -22.24 21.35
C CYS A 224 13.76 -22.24 22.86
N VAL A 225 13.87 -23.43 23.44
CA VAL A 225 13.93 -23.60 24.90
C VAL A 225 15.09 -24.55 25.19
N ALA A 226 16.00 -24.11 26.04
CA ALA A 226 17.05 -25.00 26.54
C ALA A 226 16.45 -25.94 27.57
N LEU A 227 16.63 -27.24 27.35
CA LEU A 227 16.17 -28.21 28.35
C LEU A 227 17.07 -28.21 29.57
N SER A 228 18.32 -27.78 29.41
CA SER A 228 19.28 -27.79 30.51
C SER A 228 19.08 -26.61 31.45
N ASP A 229 18.18 -25.69 31.15
CA ASP A 229 17.86 -24.58 32.04
C ASP A 229 16.69 -24.89 32.95
N TYR A 230 16.50 -26.15 33.33
CA TYR A 230 15.45 -26.48 34.28
C TYR A 230 15.88 -26.13 35.71
N ASP A 231 17.15 -26.35 36.03
CA ASP A 231 17.67 -26.12 37.37
C ASP A 231 18.42 -24.81 37.46
N LEU A 232 18.84 -24.27 36.32
CA LEU A 232 19.61 -23.04 36.30
C LEU A 232 18.70 -21.86 36.62
N VAL A 233 18.97 -21.24 37.74
CA VAL A 233 18.19 -20.08 38.17
C VAL A 233 18.68 -18.87 37.38
N LEU A 234 17.79 -17.91 37.15
CA LEU A 234 18.11 -16.78 36.29
C LEU A 234 19.03 -15.80 37.01
N ALA A 235 19.99 -15.25 36.28
CA ALA A 235 20.95 -14.32 36.88
C ALA A 235 20.38 -12.91 37.04
N GLU A 236 19.18 -12.65 36.51
CA GLU A 236 18.50 -11.38 36.75
C GLU A 236 18.10 -11.27 38.22
N ASP A 237 17.39 -12.27 38.72
CA ASP A 237 17.07 -12.37 40.13
C ASP A 237 16.91 -13.85 40.46
N GLU A 238 17.29 -14.23 41.67
CA GLU A 238 17.40 -15.64 42.04
C GLU A 238 16.13 -16.20 42.66
N GLU A 239 14.98 -15.59 42.40
CA GLU A 239 13.71 -16.20 42.78
C GLU A 239 13.07 -16.92 41.60
N MET A 240 13.53 -16.63 40.39
CA MET A 240 12.95 -17.18 39.17
C MET A 240 13.94 -18.09 38.48
N ASN A 241 13.54 -19.32 38.19
CA ASN A 241 14.37 -20.21 37.40
C ASN A 241 14.06 -20.00 35.92
N ARG A 242 14.99 -20.45 35.08
CA ARG A 242 14.97 -20.05 33.68
C ARG A 242 13.88 -20.76 32.88
N MET A 243 13.53 -21.99 33.29
CA MET A 243 12.49 -22.74 32.61
C MET A 243 11.12 -22.13 32.85
N HIS A 244 10.91 -21.57 34.04
CA HIS A 244 9.66 -20.87 34.31
C HIS A 244 9.59 -19.54 33.59
N GLU A 245 10.75 -18.91 33.36
CA GLU A 245 10.81 -17.69 32.56
C GLU A 245 10.45 -17.96 31.11
N SER A 246 10.97 -19.05 30.55
CA SER A 246 10.63 -19.42 29.18
C SER A 246 9.19 -19.90 29.07
N MET A 247 8.65 -20.51 30.14
CA MET A 247 7.24 -20.88 30.17
C MET A 247 6.34 -19.65 30.21
N LYS A 248 6.78 -18.60 30.91
CA LYS A 248 6.06 -17.33 30.93
C LYS A 248 6.10 -16.65 29.57
N LEU A 249 7.25 -16.73 28.88
CA LEU A 249 7.38 -16.14 27.55
C LEU A 249 6.58 -16.92 26.51
N PHE A 250 6.51 -18.24 26.65
CA PHE A 250 5.70 -19.07 25.77
C PHE A 250 4.22 -18.86 26.00
N ASP A 251 3.81 -18.64 27.25
CA ASP A 251 2.42 -18.35 27.54
C ASP A 251 2.07 -16.94 27.08
N SER A 252 3.04 -16.04 27.07
CA SER A 252 2.81 -14.69 26.59
C SER A 252 2.62 -14.66 25.07
N ILE A 253 3.49 -15.33 24.32
CA ILE A 253 3.34 -15.26 22.87
C ILE A 253 2.36 -16.29 22.34
N CYS A 254 2.03 -17.32 23.13
CA CYS A 254 1.12 -18.35 22.64
C CYS A 254 -0.31 -17.87 22.70
N ASN A 255 -0.65 -17.16 23.77
CA ASN A 255 -1.98 -16.60 23.95
C ASN A 255 -2.05 -15.14 23.59
N ASN A 256 -1.17 -14.69 22.70
CA ASN A 256 -1.23 -13.37 22.13
C ASN A 256 -2.47 -13.24 21.24
N LYS A 257 -2.97 -12.02 21.11
CA LYS A 257 -4.08 -11.82 20.19
C LYS A 257 -3.63 -11.71 18.75
N TRP A 258 -2.34 -11.52 18.50
CA TRP A 258 -1.82 -11.46 17.14
C TRP A 258 -1.35 -12.80 16.64
N PHE A 259 -1.23 -13.78 17.52
CA PHE A 259 -0.81 -15.12 17.16
C PHE A 259 -1.84 -16.13 17.60
N THR A 260 -3.11 -15.86 17.32
CA THR A 260 -4.15 -16.81 17.67
C THR A 260 -4.11 -18.04 16.78
N ASP A 261 -3.81 -17.87 15.51
CA ASP A 261 -3.79 -18.98 14.56
C ASP A 261 -2.41 -19.37 14.10
N THR A 262 -1.37 -18.69 14.57
CA THR A 262 -0.01 -18.93 14.09
C THR A 262 0.54 -20.21 14.68
N SER A 263 1.05 -21.08 13.82
CA SER A 263 1.70 -22.30 14.26
C SER A 263 2.99 -22.00 14.99
N ILE A 264 3.28 -22.78 16.02
CA ILE A 264 4.48 -22.60 16.82
C ILE A 264 5.30 -23.85 16.70
N ILE A 265 6.54 -23.71 16.24
CA ILE A 265 7.49 -24.80 16.21
C ILE A 265 8.34 -24.63 17.47
N LEU A 266 8.10 -25.47 18.47
CA LEU A 266 8.82 -25.36 19.72
C LEU A 266 10.02 -26.30 19.66
N PHE A 267 11.21 -25.73 19.71
CA PHE A 267 12.42 -26.54 19.78
C PHE A 267 12.85 -26.65 21.22
N LEU A 268 12.95 -27.87 21.72
CA LEU A 268 13.48 -28.12 23.05
C LEU A 268 14.94 -28.48 22.88
N ASN A 269 15.82 -27.55 23.21
CA ASN A 269 17.22 -27.62 22.84
C ASN A 269 18.07 -28.21 23.95
N LYS A 270 19.26 -28.68 23.56
CA LYS A 270 20.32 -29.22 24.40
C LYS A 270 19.85 -30.42 25.22
N LYS A 271 19.48 -31.48 24.51
CA LYS A 271 18.97 -32.66 25.17
C LYS A 271 20.07 -33.58 25.66
N ASP A 272 21.28 -33.45 25.11
CA ASP A 272 22.40 -34.24 25.61
C ASP A 272 22.86 -33.74 26.98
N LEU A 273 22.89 -32.42 27.15
CA LEU A 273 23.21 -31.83 28.44
C LEU A 273 22.09 -32.10 29.44
N PHE A 274 20.86 -32.15 28.96
CA PHE A 274 19.72 -32.52 29.81
C PHE A 274 19.81 -33.98 30.24
N GLU A 275 20.31 -34.84 29.34
CA GLU A 275 20.54 -36.26 29.66
C GLU A 275 21.59 -36.41 30.75
N GLU A 276 22.64 -35.58 30.70
CA GLU A 276 23.64 -35.66 31.75
C GLU A 276 23.15 -35.04 33.05
N LYS A 277 22.31 -34.00 32.97
CA LYS A 277 21.96 -33.26 34.18
C LYS A 277 20.76 -33.86 34.90
N ILE A 278 19.96 -34.70 34.25
CA ILE A 278 18.79 -35.27 34.91
C ILE A 278 19.16 -36.51 35.72
N LYS A 279 20.43 -36.94 35.64
CA LYS A 279 20.91 -38.11 36.38
C LYS A 279 20.89 -37.86 37.89
N LYS A 280 21.34 -36.68 38.32
CA LYS A 280 21.49 -36.40 39.73
C LYS A 280 20.64 -35.23 40.22
N SER A 281 20.30 -34.29 39.34
CA SER A 281 19.47 -33.16 39.75
C SER A 281 18.10 -33.35 39.13
N PRO A 282 17.10 -33.77 39.91
CA PRO A 282 15.82 -34.17 39.33
C PRO A 282 14.98 -32.98 38.90
N LEU A 283 13.83 -33.29 38.30
CA LEU A 283 12.94 -32.26 37.81
C LEU A 283 12.08 -31.65 38.91
N THR A 284 12.19 -32.14 40.15
CA THR A 284 11.46 -31.52 41.26
C THR A 284 12.10 -30.22 41.71
N ILE A 285 13.33 -29.94 41.26
CA ILE A 285 13.90 -28.61 41.41
C ILE A 285 13.09 -27.60 40.62
N CYS A 286 12.72 -27.95 39.38
CA CYS A 286 11.92 -27.05 38.55
C CYS A 286 10.43 -27.24 38.76
N TYR A 287 9.94 -28.48 38.60
CA TYR A 287 8.53 -28.80 38.79
C TYR A 287 8.39 -29.65 40.06
N PRO A 288 8.07 -29.07 41.21
CA PRO A 288 7.93 -29.88 42.43
C PRO A 288 6.65 -30.71 42.46
N GLU A 289 5.70 -30.44 41.55
CA GLU A 289 4.52 -31.27 41.40
C GLU A 289 4.80 -32.54 40.62
N TYR A 290 5.96 -32.65 39.99
CA TYR A 290 6.25 -33.77 39.11
C TYR A 290 6.66 -34.99 39.90
N ALA A 291 6.02 -36.11 39.60
CA ALA A 291 6.42 -37.41 40.14
C ALA A 291 6.63 -38.35 38.97
N GLY A 292 7.88 -38.76 38.75
CA GLY A 292 8.17 -39.66 37.66
C GLY A 292 9.61 -40.13 37.73
N SER A 293 10.07 -40.67 36.62
CA SER A 293 11.41 -41.23 36.53
C SER A 293 12.48 -40.14 36.44
N ASN A 294 13.68 -40.47 36.91
CA ASN A 294 14.84 -39.59 36.75
C ASN A 294 15.72 -40.06 35.59
N THR A 295 15.09 -40.22 34.44
CA THR A 295 15.78 -40.53 33.19
C THR A 295 15.43 -39.45 32.18
N TYR A 296 15.83 -39.68 30.93
CA TYR A 296 15.72 -38.62 29.93
C TYR A 296 14.32 -38.52 29.38
N GLU A 297 13.72 -39.64 29.01
CA GLU A 297 12.56 -39.60 28.12
C GLU A 297 11.28 -39.25 28.88
N GLU A 298 11.16 -39.72 30.13
CA GLU A 298 10.00 -39.38 30.95
C GLU A 298 10.02 -37.93 31.38
N ALA A 299 11.19 -37.43 31.77
CA ALA A 299 11.33 -36.03 32.15
C ALA A 299 11.17 -35.10 30.96
N ALA A 300 11.70 -35.51 29.80
CA ALA A 300 11.62 -34.69 28.60
C ALA A 300 10.19 -34.64 28.06
N ALA A 301 9.48 -35.77 28.14
CA ALA A 301 8.08 -35.80 27.72
C ALA A 301 7.20 -35.02 28.68
N TYR A 302 7.58 -34.97 29.97
CA TYR A 302 6.86 -34.13 30.92
C TYR A 302 7.08 -32.65 30.65
N ILE A 303 8.32 -32.27 30.28
CA ILE A 303 8.62 -30.87 29.96
C ILE A 303 7.90 -30.43 28.68
N GLN A 304 7.84 -31.33 27.69
CA GLN A 304 7.14 -31.05 26.45
C GLN A 304 5.62 -30.93 26.65
N CYS A 305 5.06 -31.79 27.51
CA CYS A 305 3.63 -31.70 27.83
C CYS A 305 3.32 -30.46 28.66
N GLN A 306 4.27 -30.05 29.52
CA GLN A 306 4.10 -28.86 30.32
C GLN A 306 4.14 -27.60 29.47
N PHE A 307 4.92 -27.63 28.39
CA PHE A 307 4.93 -26.50 27.46
C PHE A 307 3.71 -26.51 26.57
N GLU A 308 3.30 -27.69 26.10
CA GLU A 308 2.15 -27.77 25.20
C GLU A 308 0.82 -27.57 25.91
N ASP A 309 0.80 -27.65 27.24
CA ASP A 309 -0.39 -27.38 28.03
C ASP A 309 -0.66 -25.89 28.24
N LEU A 310 0.09 -25.00 27.62
CA LEU A 310 0.02 -23.58 27.92
C LEU A 310 -0.87 -22.79 26.98
N ASN A 311 -1.55 -23.42 26.03
CA ASN A 311 -2.47 -22.67 25.17
C ASN A 311 -3.86 -22.66 25.79
N LYS A 312 -4.42 -21.46 25.92
CA LYS A 312 -5.76 -21.32 26.46
C LYS A 312 -6.82 -21.81 25.48
N ARG A 313 -6.54 -21.75 24.18
CA ARG A 313 -7.44 -22.31 23.18
C ARG A 313 -6.63 -23.26 22.29
N LYS A 314 -6.88 -24.56 22.48
CA LYS A 314 -6.10 -25.62 21.85
C LYS A 314 -6.68 -26.09 20.53
N ASP A 315 -7.45 -25.25 19.85
CA ASP A 315 -8.15 -25.67 18.64
C ASP A 315 -7.65 -24.93 17.41
N THR A 316 -7.32 -23.65 17.57
CA THR A 316 -7.00 -22.81 16.42
C THR A 316 -5.56 -22.99 15.96
N LYS A 317 -4.62 -23.07 16.88
CA LYS A 317 -3.22 -23.11 16.52
C LYS A 317 -2.65 -24.51 16.72
N GLU A 318 -1.56 -24.77 16.02
CA GLU A 318 -0.86 -26.04 16.08
C GLU A 318 0.51 -25.82 16.69
N ILE A 319 0.88 -26.64 17.66
CA ILE A 319 2.18 -26.56 18.29
C ILE A 319 2.96 -27.81 17.90
N TYR A 320 4.16 -27.60 17.37
CA TYR A 320 5.03 -28.66 16.92
C TYR A 320 6.20 -28.70 17.89
N THR A 321 6.62 -29.88 18.28
CA THR A 321 7.69 -29.99 19.26
C THR A 321 8.76 -30.95 18.78
N HIS A 322 10.01 -30.54 18.91
CA HIS A 322 11.14 -31.29 18.39
C HIS A 322 12.28 -31.17 19.39
N PHE A 323 12.97 -32.26 19.65
CA PHE A 323 14.12 -32.25 20.53
C PHE A 323 15.40 -32.07 19.72
N THR A 324 16.29 -31.23 20.23
CA THR A 324 17.42 -30.74 19.47
C THR A 324 18.69 -30.88 20.29
N CYS A 325 19.82 -31.11 19.61
CA CYS A 325 21.13 -30.87 20.18
C CYS A 325 21.97 -30.18 19.11
N ALA A 326 23.27 -30.06 19.36
CA ALA A 326 24.14 -29.43 18.36
C ALA A 326 24.48 -30.38 17.23
N THR A 327 24.25 -31.68 17.42
CA THR A 327 24.65 -32.66 16.42
C THR A 327 23.56 -32.94 15.41
N ASP A 328 22.36 -32.45 15.63
CA ASP A 328 21.24 -32.76 14.74
C ASP A 328 21.31 -31.93 13.47
N THR A 329 20.94 -32.55 12.34
CA THR A 329 20.93 -31.88 11.06
C THR A 329 19.62 -32.11 10.30
N LYS A 330 18.52 -32.34 11.01
CA LYS A 330 17.22 -32.50 10.39
C LYS A 330 16.19 -31.50 10.91
N ASN A 331 16.63 -30.51 11.67
CA ASN A 331 15.71 -29.53 12.25
C ASN A 331 15.14 -28.61 11.21
N VAL A 332 15.88 -28.36 10.13
CA VAL A 332 15.32 -27.61 9.03
C VAL A 332 14.31 -28.46 8.25
N GLN A 333 14.46 -29.79 8.29
CA GLN A 333 13.47 -30.66 7.66
C GLN A 333 12.21 -30.72 8.50
N PHE A 334 12.35 -30.64 9.82
CA PHE A 334 11.19 -30.52 10.71
C PHE A 334 10.46 -29.19 10.51
N VAL A 335 11.22 -28.12 10.31
CA VAL A 335 10.62 -26.80 10.11
C VAL A 335 9.90 -26.72 8.77
N PHE A 336 10.48 -27.33 7.73
CA PHE A 336 9.83 -27.41 6.42
C PHE A 336 8.58 -28.27 6.45
N ASP A 337 8.61 -29.37 7.20
CA ASP A 337 7.43 -30.22 7.36
C ASP A 337 6.34 -29.52 8.16
N ALA A 338 6.72 -28.65 9.09
CA ALA A 338 5.71 -27.92 9.84
C ALA A 338 5.13 -26.75 9.08
N VAL A 339 5.91 -26.11 8.19
CA VAL A 339 5.37 -24.98 7.45
C VAL A 339 4.70 -25.39 6.16
N THR A 340 4.84 -26.64 5.73
CA THR A 340 4.02 -27.16 4.63
C THR A 340 2.53 -27.19 4.99
N ASP A 341 2.20 -27.42 6.26
CA ASP A 341 0.81 -27.37 6.69
C ASP A 341 0.26 -25.95 6.70
N VAL A 342 1.09 -24.98 7.05
CA VAL A 342 0.66 -23.59 7.01
C VAL A 342 0.53 -23.12 5.58
N ILE A 343 1.36 -23.64 4.69
CA ILE A 343 1.28 -23.31 3.28
C ILE A 343 0.03 -23.91 2.64
N ILE A 344 -0.34 -25.13 3.05
CA ILE A 344 -1.58 -25.78 2.61
C ILE A 344 -2.81 -25.02 3.07
N LYS A 345 -2.79 -24.54 4.32
CA LYS A 345 -3.88 -23.73 4.86
C LYS A 345 -4.00 -22.38 4.16
N ASN A 346 -2.87 -21.74 3.83
CA ASN A 346 -2.90 -20.47 3.13
C ASN A 346 -3.27 -20.63 1.66
N ASN A 347 -2.93 -21.78 1.06
CA ASN A 347 -3.32 -22.07 -0.31
C ASN A 347 -4.81 -22.30 -0.40
N LEU A 348 -5.39 -22.96 0.61
CA LEU A 348 -6.83 -23.11 0.69
C LEU A 348 -7.52 -21.77 0.92
N LYS A 349 -6.87 -20.87 1.67
CA LYS A 349 -7.43 -19.54 1.85
C LYS A 349 -7.33 -18.71 0.58
N ASP A 350 -6.28 -18.93 -0.22
CA ASP A 350 -6.14 -18.24 -1.49
C ASP A 350 -7.17 -18.73 -2.50
N CYS A 351 -7.47 -20.02 -2.46
CA CYS A 351 -8.48 -20.63 -3.30
C CYS A 351 -9.85 -20.54 -2.73
N GLY A 352 -10.14 -19.65 -1.78
CA GLY A 352 -11.50 -19.32 -1.43
C GLY A 352 -12.18 -20.21 -0.42
N LEU A 353 -11.49 -21.19 0.14
CA LEU A 353 -12.18 -22.14 1.01
C LEU A 353 -12.18 -21.69 2.46
N PHE A 354 -11.10 -21.01 2.88
CA PHE A 354 -10.77 -20.67 4.28
C PHE A 354 -10.76 -21.92 5.15
N SER B 20 18.90 6.24 55.34
CA SER B 20 19.99 6.48 54.41
C SER B 20 19.96 7.92 53.93
N GLU B 21 20.53 8.15 52.75
CA GLU B 21 20.52 9.48 52.15
C GLU B 21 19.66 9.50 50.88
N LEU B 22 19.61 8.37 50.17
CA LEU B 22 18.78 8.30 48.96
C LEU B 22 17.30 8.25 49.29
N ASP B 23 16.93 7.73 50.47
CA ASP B 23 15.53 7.80 50.90
C ASP B 23 15.16 9.22 51.33
N GLN B 24 16.12 9.96 51.88
CA GLN B 24 15.94 11.38 52.18
C GLN B 24 15.78 12.19 50.89
N LEU B 25 16.52 11.80 49.85
CA LEU B 25 16.38 12.44 48.54
C LEU B 25 15.05 12.09 47.88
N ARG B 26 14.54 10.89 48.11
CA ARG B 26 13.23 10.55 47.55
C ARG B 26 12.09 11.19 48.33
N GLN B 27 12.29 11.44 49.63
CA GLN B 27 11.32 12.26 50.36
C GLN B 27 11.35 13.72 49.91
N GLU B 28 12.54 14.21 49.53
CA GLU B 28 12.64 15.54 48.92
C GLU B 28 11.94 15.59 47.56
N ALA B 29 12.04 14.50 46.79
CA ALA B 29 11.36 14.43 45.50
C ALA B 29 9.86 14.35 45.66
N GLU B 30 9.37 13.67 46.70
CA GLU B 30 7.93 13.60 46.94
C GLU B 30 7.39 14.93 47.45
N GLN B 31 8.20 15.66 48.23
CA GLN B 31 7.83 17.01 48.66
C GLN B 31 7.76 17.97 47.47
N LEU B 32 8.71 17.84 46.53
CA LEU B 32 8.67 18.67 45.33
C LEU B 32 7.50 18.30 44.43
N LYS B 33 7.12 17.02 44.42
CA LYS B 33 6.00 16.59 43.58
C LYS B 33 4.67 17.08 44.12
N ASN B 34 4.47 17.06 45.44
CA ASN B 34 3.19 17.59 45.94
C ASN B 34 3.18 19.11 45.97
N GLN B 35 4.36 19.75 46.00
CA GLN B 35 4.43 21.19 45.80
C GLN B 35 4.05 21.58 44.36
N ILE B 36 4.50 20.78 43.38
CA ILE B 36 4.12 20.99 41.98
C ILE B 36 2.63 20.79 41.78
N ARG B 37 2.07 19.76 42.44
CA ARG B 37 0.65 19.47 42.31
C ARG B 37 -0.22 20.52 42.99
N ASP B 38 0.23 21.05 44.13
CA ASP B 38 -0.53 22.13 44.77
C ASP B 38 -0.41 23.44 44.03
N ALA B 39 0.76 23.70 43.43
CA ALA B 39 0.92 24.92 42.66
C ALA B 39 0.20 24.86 41.32
N ARG B 40 -0.08 23.67 40.81
CA ARG B 40 -0.87 23.61 39.60
C ARG B 40 -2.36 23.42 39.87
N LYS B 41 -2.73 22.99 41.08
CA LYS B 41 -4.15 22.99 41.43
C LYS B 41 -4.55 24.37 41.95
N ALA B 42 -3.58 25.21 42.31
CA ALA B 42 -3.86 26.61 42.59
C ALA B 42 -4.21 27.39 41.32
N CYS B 43 -3.80 26.89 40.15
CA CYS B 43 -4.15 27.54 38.90
C CYS B 43 -5.49 27.08 38.36
N ALA B 44 -5.96 25.91 38.76
CA ALA B 44 -7.25 25.41 38.28
C ALA B 44 -8.38 26.13 38.99
N ASP B 45 -8.90 27.20 38.38
CA ASP B 45 -10.03 27.92 38.94
C ASP B 45 -11.34 27.56 38.24
N ALA B 46 -11.29 27.40 36.93
CA ALA B 46 -12.44 27.00 36.15
C ALA B 46 -11.97 26.08 35.04
N THR B 47 -12.75 25.04 34.77
CA THR B 47 -12.37 24.12 33.72
C THR B 47 -12.72 24.71 32.36
N LEU B 48 -12.16 24.11 31.30
CA LEU B 48 -12.44 24.55 29.93
C LEU B 48 -13.88 24.25 29.53
N SER B 49 -14.51 23.26 30.16
CA SER B 49 -15.92 23.01 29.97
C SER B 49 -16.81 24.03 30.64
N GLN B 50 -16.28 24.88 31.51
CA GLN B 50 -17.07 26.00 32.02
C GLN B 50 -16.91 27.23 31.15
N ILE B 51 -15.71 27.43 30.60
CA ILE B 51 -15.46 28.57 29.73
C ILE B 51 -16.17 28.39 28.39
N THR B 52 -16.12 27.18 27.84
CA THR B 52 -16.75 26.91 26.55
C THR B 52 -18.10 26.24 26.72
N ASN B 53 -18.88 26.68 27.71
CA ASN B 53 -20.22 26.17 27.87
C ASN B 53 -21.17 26.81 26.85
N ASN B 54 -21.14 28.13 26.75
CA ASN B 54 -22.04 28.86 25.87
C ASN B 54 -21.45 29.08 24.48
N ILE B 55 -20.31 28.47 24.18
CA ILE B 55 -19.85 28.38 22.81
C ILE B 55 -20.83 27.48 22.06
N ASP B 56 -21.29 27.96 20.92
CA ASP B 56 -22.23 27.20 20.11
C ASP B 56 -21.53 26.00 19.49
N PRO B 57 -22.18 24.84 19.46
CA PRO B 57 -21.48 23.62 19.06
C PRO B 57 -21.17 23.58 17.57
N VAL B 58 -20.30 22.63 17.23
CA VAL B 58 -19.79 22.47 15.88
C VAL B 58 -20.87 21.98 14.93
N GLY B 59 -21.76 21.12 15.39
CA GLY B 59 -22.68 20.44 14.51
C GLY B 59 -22.13 19.09 14.17
N ARG B 60 -22.88 18.35 13.37
CA ARG B 60 -22.43 17.04 12.93
C ARG B 60 -21.47 17.22 11.77
N ILE B 61 -20.21 16.88 12.00
CA ILE B 61 -19.20 16.90 10.96
C ILE B 61 -19.40 15.64 10.12
N GLN B 62 -19.78 15.82 8.87
CA GLN B 62 -19.99 14.71 7.96
C GLN B 62 -18.93 14.81 6.88
N MET B 63 -17.80 14.19 7.13
CA MET B 63 -16.70 14.13 6.16
C MET B 63 -16.85 12.85 5.36
N ARG B 64 -16.80 12.98 4.05
CA ARG B 64 -16.87 11.85 3.15
C ARG B 64 -15.50 11.57 2.58
N THR B 65 -15.24 10.30 2.28
CA THR B 65 -13.96 9.92 1.71
C THR B 65 -13.90 10.33 0.25
N ARG B 66 -12.84 11.05 -0.10
CA ARG B 66 -12.70 11.65 -1.40
C ARG B 66 -11.72 10.92 -2.30
N ARG B 67 -10.60 10.45 -1.77
CA ARG B 67 -9.72 9.59 -2.54
C ARG B 67 -9.47 8.33 -1.73
N THR B 68 -8.97 7.33 -2.43
CA THR B 68 -8.46 6.12 -1.80
C THR B 68 -7.17 5.77 -2.49
N LEU B 69 -6.10 5.65 -1.74
CA LEU B 69 -4.78 5.41 -2.29
C LEU B 69 -4.45 3.93 -2.13
N ARG B 70 -4.42 3.22 -3.24
CA ARG B 70 -4.32 1.77 -3.26
C ARG B 70 -3.02 1.38 -3.92
N GLY B 71 -1.96 1.23 -3.16
CA GLY B 71 -0.80 0.58 -3.71
C GLY B 71 -0.07 -0.27 -2.72
N HIS B 72 -0.37 -0.07 -1.44
CA HIS B 72 0.32 -0.80 -0.39
C HIS B 72 -0.27 -2.19 -0.27
N LEU B 73 0.57 -3.15 0.08
CA LEU B 73 0.18 -4.54 0.16
C LEU B 73 0.27 -5.09 1.56
N ALA B 74 0.58 -4.25 2.54
CA ALA B 74 0.70 -4.67 3.92
C ALA B 74 0.17 -3.55 4.79
N LYS B 75 0.42 -3.63 6.09
CA LYS B 75 -0.14 -2.67 7.02
C LYS B 75 0.61 -1.35 6.93
N ILE B 76 -0.13 -0.27 6.73
CA ILE B 76 0.46 1.07 6.72
C ILE B 76 0.66 1.49 8.16
N TYR B 77 1.89 1.83 8.51
CA TYR B 77 2.18 2.20 9.87
C TYR B 77 2.29 3.69 10.08
N ALA B 78 2.60 4.45 9.04
CA ALA B 78 2.77 5.88 9.19
C ALA B 78 2.46 6.56 7.88
N MET B 79 2.23 7.87 7.98
CA MET B 79 1.99 8.73 6.84
C MET B 79 2.36 10.15 7.23
N HIS B 80 2.86 10.91 6.28
CA HIS B 80 3.13 12.32 6.53
C HIS B 80 2.82 13.16 5.32
N TRP B 81 2.01 14.19 5.52
CA TRP B 81 1.74 15.16 4.47
C TRP B 81 2.94 16.04 4.20
N GLY B 82 3.16 16.36 2.94
CA GLY B 82 4.08 17.44 2.62
C GLY B 82 3.51 18.80 2.97
N THR B 83 4.38 19.80 2.95
CA THR B 83 3.94 21.14 3.35
C THR B 83 3.11 21.84 2.29
N ASP B 84 3.13 21.35 1.05
CA ASP B 84 2.32 21.91 -0.01
C ASP B 84 0.90 21.38 -0.02
N SER B 85 0.55 20.50 0.92
CA SER B 85 -0.76 19.90 1.14
C SER B 85 -1.27 19.10 -0.04
N ARG B 86 -0.37 18.59 -0.85
CA ARG B 86 -0.72 17.74 -1.96
C ARG B 86 0.04 16.43 -1.96
N LEU B 87 1.34 16.48 -1.70
CA LEU B 87 2.15 15.28 -1.67
C LEU B 87 2.11 14.68 -0.29
N LEU B 88 2.01 13.37 -0.22
CA LEU B 88 2.12 12.72 1.07
C LEU B 88 2.89 11.42 0.90
N VAL B 89 3.67 11.10 1.90
CA VAL B 89 4.42 9.86 1.96
C VAL B 89 3.67 8.95 2.91
N SER B 90 3.78 7.64 2.69
CA SER B 90 3.17 6.64 3.55
C SER B 90 4.11 5.47 3.57
N ALA B 91 4.34 4.89 4.74
CA ALA B 91 5.24 3.76 4.89
C ALA B 91 4.46 2.55 5.35
N SER B 92 4.62 1.44 4.64
CA SER B 92 4.01 0.21 5.07
C SER B 92 5.05 -0.88 5.17
N GLN B 93 4.64 -2.00 5.74
CA GLN B 93 5.57 -3.07 6.07
C GLN B 93 5.69 -4.10 4.97
N ASP B 94 5.45 -3.72 3.72
CA ASP B 94 5.98 -4.46 2.60
C ASP B 94 7.30 -3.90 2.11
N GLY B 95 7.93 -3.04 2.91
CA GLY B 95 9.24 -2.53 2.60
C GLY B 95 9.25 -1.40 1.60
N LYS B 96 8.14 -0.71 1.41
CA LYS B 96 8.05 0.37 0.46
C LYS B 96 7.55 1.61 1.16
N LEU B 97 8.07 2.77 0.79
CA LEU B 97 7.33 3.98 1.06
C LEU B 97 7.05 4.70 -0.24
N ILE B 98 5.78 4.99 -0.45
CA ILE B 98 5.28 5.60 -1.65
C ILE B 98 5.03 7.06 -1.36
N ILE B 99 5.51 7.94 -2.22
CA ILE B 99 5.04 9.32 -2.24
C ILE B 99 3.87 9.39 -3.18
N TRP B 100 2.75 9.91 -2.70
CA TRP B 100 1.53 10.02 -3.47
C TRP B 100 1.25 11.45 -3.86
N ASP B 101 0.72 11.62 -5.06
CA ASP B 101 0.01 12.83 -5.43
C ASP B 101 -1.42 12.61 -4.99
N SER B 102 -1.90 13.36 -4.01
CA SER B 102 -3.23 13.07 -3.51
C SER B 102 -4.33 13.64 -4.38
N TYR B 103 -4.01 14.56 -5.29
CA TYR B 103 -5.06 15.18 -6.09
C TYR B 103 -5.47 14.26 -7.22
N THR B 104 -4.53 13.51 -7.75
CA THR B 104 -4.73 12.67 -8.93
C THR B 104 -4.63 11.20 -8.62
N THR B 105 -4.40 10.82 -7.35
CA THR B 105 -4.04 9.48 -6.85
C THR B 105 -2.81 8.89 -7.52
N ASN B 106 -1.89 9.70 -8.03
CA ASN B 106 -0.75 9.14 -8.70
C ASN B 106 0.32 8.77 -7.68
N LYS B 107 1.16 7.85 -8.07
CA LYS B 107 2.34 7.50 -7.31
C LYS B 107 3.50 8.26 -7.91
N VAL B 108 4.12 9.11 -7.12
CA VAL B 108 5.23 9.91 -7.61
C VAL B 108 6.52 9.12 -7.53
N HIS B 109 6.81 8.54 -6.38
CA HIS B 109 7.93 7.63 -6.20
C HIS B 109 7.45 6.45 -5.38
N ALA B 110 8.21 5.37 -5.44
CA ALA B 110 8.04 4.27 -4.49
C ALA B 110 9.44 3.84 -4.08
N ILE B 111 9.79 4.08 -2.83
CA ILE B 111 11.15 3.89 -2.36
C ILE B 111 11.22 2.53 -1.66
N PRO B 112 12.02 1.59 -2.14
CA PRO B 112 12.15 0.29 -1.47
C PRO B 112 13.09 0.40 -0.28
N LEU B 113 12.62 -0.03 0.88
CA LEU B 113 13.37 0.17 2.10
C LEU B 113 14.27 -1.02 2.37
N ARG B 114 15.35 -0.74 3.11
CA ARG B 114 16.32 -1.79 3.40
C ARG B 114 15.82 -2.72 4.49
N SER B 115 15.07 -2.20 5.45
CA SER B 115 14.41 -3.02 6.45
C SER B 115 12.91 -2.78 6.34
N SER B 116 12.15 -3.88 6.28
CA SER B 116 10.71 -3.76 6.02
C SER B 116 9.93 -3.35 7.26
N TRP B 117 10.55 -3.34 8.43
CA TRP B 117 9.84 -3.15 9.68
C TRP B 117 9.83 -1.67 10.04
N VAL B 118 9.09 -0.91 9.26
CA VAL B 118 8.98 0.54 9.45
C VAL B 118 7.90 0.81 10.47
N MET B 119 8.14 1.80 11.32
CA MET B 119 7.13 2.30 12.22
C MET B 119 6.84 3.77 12.01
N THR B 120 7.74 4.50 11.39
CA THR B 120 7.58 5.93 11.26
C THR B 120 7.99 6.37 9.86
N CYS B 121 7.44 7.49 9.42
CA CYS B 121 7.89 8.13 8.20
C CYS B 121 7.68 9.63 8.34
N ALA B 122 8.55 10.40 7.71
CA ALA B 122 8.54 11.84 7.81
C ALA B 122 8.81 12.43 6.45
N TYR B 123 8.28 13.61 6.22
CA TYR B 123 8.49 14.37 5.01
C TYR B 123 9.16 15.68 5.40
N ALA B 124 10.21 16.06 4.69
CA ALA B 124 10.87 17.31 4.99
C ALA B 124 10.00 18.48 4.54
N PRO B 125 10.02 19.60 5.25
CA PRO B 125 9.22 20.77 4.83
C PRO B 125 9.69 21.42 3.55
N SER B 126 10.95 21.22 3.16
CA SER B 126 11.37 21.63 1.82
C SER B 126 10.84 20.69 0.76
N GLY B 127 10.55 19.45 1.12
CA GLY B 127 10.10 18.48 0.15
C GLY B 127 11.20 17.70 -0.51
N ASN B 128 12.44 17.88 -0.10
CA ASN B 128 13.55 17.22 -0.74
C ASN B 128 13.92 15.91 -0.09
N TYR B 129 13.46 15.67 1.13
CA TYR B 129 13.89 14.52 1.89
C TYR B 129 12.68 13.82 2.48
N VAL B 130 12.78 12.51 2.58
CA VAL B 130 11.89 11.75 3.44
C VAL B 130 12.74 10.89 4.36
N ALA B 131 12.23 10.67 5.56
CA ALA B 131 12.91 9.83 6.53
C ALA B 131 11.97 8.71 6.92
N CYS B 132 12.55 7.58 7.31
CA CYS B 132 11.77 6.48 7.89
C CYS B 132 12.67 5.64 8.77
N GLY B 133 12.04 4.85 9.61
CA GLY B 133 12.78 3.96 10.46
C GLY B 133 11.86 3.05 11.23
N GLY B 134 12.46 2.17 12.00
CA GLY B 134 11.66 1.24 12.74
C GLY B 134 12.46 0.29 13.59
N LEU B 135 12.20 -1.01 13.46
CA LEU B 135 12.80 -2.05 14.27
C LEU B 135 14.27 -2.29 13.98
N ASP B 136 14.87 -1.65 12.99
CA ASP B 136 16.31 -1.74 12.78
C ASP B 136 17.09 -0.66 13.50
N ASN B 137 16.41 0.20 14.27
CA ASN B 137 16.97 1.26 15.12
C ASN B 137 17.71 2.34 14.33
N ILE B 138 17.38 2.53 13.06
CA ILE B 138 18.06 3.48 12.18
C ILE B 138 17.00 4.33 11.51
N CYS B 139 17.14 5.66 11.57
CA CYS B 139 16.32 6.56 10.76
C CYS B 139 17.08 6.82 9.47
N SER B 140 16.76 6.05 8.44
CA SER B 140 17.29 6.27 7.10
C SER B 140 16.67 7.51 6.50
N ILE B 141 17.46 8.26 5.72
CA ILE B 141 17.03 9.52 5.16
C ILE B 141 17.23 9.48 3.66
N TYR B 142 16.16 9.74 2.91
CA TYR B 142 16.11 9.50 1.48
C TYR B 142 16.04 10.81 0.73
N ASN B 143 16.95 10.99 -0.21
CA ASN B 143 17.01 12.21 -1.01
C ASN B 143 16.05 12.07 -2.20
N LEU B 144 15.05 12.93 -2.24
CA LEU B 144 14.05 12.87 -3.30
C LEU B 144 14.47 13.62 -4.55
N LYS B 145 15.26 14.68 -4.41
CA LYS B 145 15.57 15.56 -5.51
C LYS B 145 16.99 15.29 -5.99
N THR B 146 17.13 14.19 -6.68
CA THR B 146 18.40 13.74 -7.23
C THR B 146 18.41 14.01 -8.72
N ARG B 147 19.57 14.40 -9.26
CA ARG B 147 19.67 14.56 -10.70
C ARG B 147 20.00 13.27 -11.42
N GLU B 148 20.12 12.15 -10.71
CA GLU B 148 20.11 10.85 -11.37
C GLU B 148 18.71 10.39 -11.70
N GLY B 149 17.70 10.99 -11.10
CA GLY B 149 16.33 10.68 -11.40
C GLY B 149 15.72 9.60 -10.54
N ASN B 150 16.51 8.94 -9.71
CA ASN B 150 16.01 7.94 -8.78
C ASN B 150 16.28 8.41 -7.37
N VAL B 151 15.49 7.93 -6.42
CA VAL B 151 15.70 8.33 -5.04
C VAL B 151 16.86 7.54 -4.46
N ARG B 152 17.65 8.21 -3.63
CA ARG B 152 18.83 7.62 -3.05
C ARG B 152 18.75 7.74 -1.55
N VAL B 153 19.41 6.82 -0.85
CA VAL B 153 19.60 6.95 0.59
C VAL B 153 20.71 7.96 0.79
N SER B 154 20.38 9.13 1.31
CA SER B 154 21.41 10.12 1.52
C SER B 154 22.20 9.83 2.80
N ARG B 155 21.51 9.62 3.92
CA ARG B 155 22.15 9.34 5.20
C ARG B 155 21.37 8.29 5.97
N GLU B 156 22.09 7.55 6.81
CA GLU B 156 21.51 6.61 7.76
C GLU B 156 21.98 6.96 9.15
N LEU B 157 21.06 7.05 10.10
CA LEU B 157 21.36 7.60 11.41
C LEU B 157 21.23 6.52 12.48
N ALA B 158 22.34 5.89 12.80
CA ALA B 158 22.40 4.91 13.87
C ALA B 158 22.85 5.58 15.16
N GLY B 159 22.42 5.02 16.29
CA GLY B 159 22.66 5.65 17.56
C GLY B 159 21.60 5.38 18.59
N HIS B 160 20.42 4.95 18.15
CA HIS B 160 19.41 4.49 19.07
C HIS B 160 19.61 3.02 19.34
N THR B 161 19.31 2.59 20.55
CA THR B 161 19.40 1.20 20.92
C THR B 161 18.03 0.54 21.03
N GLY B 162 16.97 1.27 20.76
CA GLY B 162 15.65 0.70 20.62
C GLY B 162 15.09 1.08 19.26
N TYR B 163 13.89 0.60 19.00
CA TYR B 163 13.24 0.82 17.71
C TYR B 163 12.89 2.28 17.51
N LEU B 164 12.98 2.72 16.26
CA LEU B 164 12.58 4.06 15.89
C LEU B 164 11.06 4.15 15.86
N SER B 165 10.49 5.04 16.66
CA SER B 165 9.05 5.14 16.72
C SER B 165 8.50 6.43 16.11
N CYS B 166 9.33 7.47 16.01
CA CYS B 166 8.92 8.72 15.37
C CYS B 166 10.17 9.43 14.87
N CYS B 167 10.06 10.01 13.68
CA CYS B 167 11.07 10.91 13.11
C CYS B 167 10.33 12.17 12.69
N ARG B 168 10.92 13.34 12.93
CA ARG B 168 10.32 14.61 12.51
C ARG B 168 11.40 15.59 12.08
N PHE B 169 11.27 16.13 10.89
CA PHE B 169 12.25 17.08 10.37
C PHE B 169 12.01 18.48 10.93
N LEU B 170 13.08 19.16 11.25
CA LEU B 170 13.03 20.61 11.44
C LEU B 170 13.49 21.38 10.21
N ASP B 171 14.67 21.06 9.72
CA ASP B 171 15.22 21.64 8.51
C ASP B 171 15.56 20.49 7.58
N ASP B 172 16.31 20.79 6.52
CA ASP B 172 16.92 19.74 5.73
C ASP B 172 18.10 19.09 6.43
N ASN B 173 18.64 19.72 7.48
CA ASN B 173 19.80 19.21 8.17
C ASN B 173 19.54 18.78 9.59
N GLN B 174 18.33 18.90 10.10
CA GLN B 174 18.05 18.50 11.46
C GLN B 174 16.82 17.62 11.50
N ILE B 175 16.86 16.60 12.33
CA ILE B 175 15.72 15.71 12.51
C ILE B 175 15.68 15.26 13.97
N VAL B 176 14.50 15.31 14.57
CA VAL B 176 14.27 14.77 15.90
C VAL B 176 13.73 13.35 15.75
N THR B 177 14.40 12.39 16.35
CA THR B 177 13.97 11.00 16.32
C THR B 177 13.67 10.52 17.73
N SER B 178 12.48 10.00 17.95
CA SER B 178 12.14 9.38 19.22
C SER B 178 12.24 7.88 19.08
N SER B 179 12.44 7.20 20.20
CA SER B 179 12.76 5.79 20.12
C SER B 179 12.33 5.03 21.36
N GLY B 180 12.31 3.71 21.20
CA GLY B 180 11.98 2.79 22.26
C GLY B 180 13.12 2.42 23.18
N ASP B 181 14.21 3.18 23.18
CA ASP B 181 15.21 3.09 24.24
C ASP B 181 15.07 4.20 25.25
N THR B 182 13.84 4.67 25.47
CA THR B 182 13.42 5.76 26.36
C THR B 182 14.11 7.09 26.07
N THR B 183 14.39 7.39 24.82
CA THR B 183 15.28 8.48 24.47
C THR B 183 14.80 9.13 23.17
N CYS B 184 14.70 10.45 23.17
CA CYS B 184 14.63 11.23 21.95
C CYS B 184 16.02 11.78 21.64
N ALA B 185 16.27 12.08 20.38
CA ALA B 185 17.56 12.57 19.97
C ALA B 185 17.39 13.59 18.86
N LEU B 186 18.27 14.58 18.84
CA LEU B 186 18.33 15.56 17.76
C LEU B 186 19.56 15.29 16.93
N TRP B 187 19.39 15.21 15.62
CA TRP B 187 20.45 14.76 14.74
C TRP B 187 20.90 15.89 13.83
N ASP B 188 22.18 15.87 13.51
CA ASP B 188 22.70 16.63 12.38
C ASP B 188 22.81 15.65 11.24
N ILE B 189 22.15 15.95 10.13
CA ILE B 189 22.02 14.96 9.08
C ILE B 189 23.32 14.82 8.30
N GLU B 190 23.99 15.93 8.01
CA GLU B 190 25.16 15.90 7.12
C GLU B 190 26.37 15.28 7.79
N THR B 191 26.44 15.32 9.12
CA THR B 191 27.49 14.57 9.80
C THR B 191 27.03 13.19 10.20
N GLY B 192 25.76 13.03 10.55
CA GLY B 192 25.23 11.77 10.96
C GLY B 192 25.23 11.55 12.45
N GLN B 193 25.56 12.56 13.24
CA GLN B 193 25.74 12.41 14.66
C GLN B 193 24.61 13.08 15.42
N GLN B 194 24.35 12.57 16.62
CA GLN B 194 23.36 13.19 17.49
C GLN B 194 23.94 14.46 18.09
N THR B 195 23.28 15.58 17.86
CA THR B 195 23.69 16.81 18.51
C THR B 195 23.27 16.78 19.98
N THR B 196 22.05 16.36 20.24
CA THR B 196 21.45 16.47 21.55
C THR B 196 20.75 15.14 21.84
N THR B 197 20.79 14.72 23.09
CA THR B 197 20.02 13.58 23.55
C THR B 197 19.02 14.07 24.57
N PHE B 198 17.80 13.57 24.48
CA PHE B 198 16.71 13.99 25.35
C PHE B 198 16.33 12.81 26.23
N THR B 199 16.78 12.83 27.47
CA THR B 199 16.58 11.73 28.39
C THR B 199 15.67 12.17 29.54
N GLY B 200 14.96 11.21 30.09
CA GLY B 200 14.03 11.54 31.15
C GLY B 200 12.79 10.69 31.18
N HIS B 201 12.39 10.15 30.05
CA HIS B 201 11.30 9.18 30.04
C HIS B 201 11.80 7.87 30.61
N THR B 202 10.89 7.12 31.24
CA THR B 202 11.21 5.82 31.78
C THR B 202 10.57 4.68 31.00
N GLY B 203 9.76 4.98 30.00
CA GLY B 203 9.23 3.98 29.09
C GLY B 203 9.56 4.36 27.66
N ASP B 204 9.11 3.51 26.74
CA ASP B 204 9.41 3.67 25.33
C ASP B 204 8.70 4.88 24.76
N VAL B 205 9.46 5.79 24.16
CA VAL B 205 8.87 7.01 23.62
C VAL B 205 8.17 6.67 22.32
N MET B 206 6.86 6.89 22.28
CA MET B 206 6.06 6.38 21.20
C MET B 206 5.71 7.42 20.16
N SER B 207 5.67 8.69 20.54
CA SER B 207 5.22 9.70 19.63
C SER B 207 6.01 10.97 19.89
N LEU B 208 5.83 11.93 19.00
CA LEU B 208 6.66 13.11 18.94
C LEU B 208 5.94 14.12 18.09
N SER B 209 5.94 15.36 18.54
CA SER B 209 5.28 16.40 17.77
C SER B 209 6.04 17.70 17.98
N LEU B 210 6.53 18.28 16.90
CA LEU B 210 7.25 19.53 17.00
C LEU B 210 6.29 20.70 17.14
N ALA B 211 6.77 21.75 17.78
CA ALA B 211 6.03 22.99 17.88
C ALA B 211 5.99 23.66 16.52
N PRO B 212 4.99 24.51 16.27
CA PRO B 212 4.99 25.33 15.04
C PRO B 212 6.16 26.32 14.91
N ASP B 213 6.82 26.68 16.00
CA ASP B 213 8.05 27.45 15.94
C ASP B 213 9.30 26.59 15.89
N THR B 214 9.17 25.27 16.09
CA THR B 214 10.25 24.26 16.12
C THR B 214 11.36 24.59 17.12
N ARG B 215 11.00 25.24 18.21
CA ARG B 215 11.90 25.42 19.33
C ARG B 215 11.53 24.54 20.50
N LEU B 216 10.36 23.93 20.45
CA LEU B 216 9.92 22.98 21.45
C LEU B 216 9.41 21.75 20.74
N PHE B 217 9.34 20.64 21.45
CA PHE B 217 8.57 19.50 21.00
C PHE B 217 8.08 18.73 22.21
N VAL B 218 6.94 18.11 22.08
CA VAL B 218 6.42 17.22 23.09
C VAL B 218 6.70 15.80 22.66
N SER B 219 6.87 14.91 23.63
CA SER B 219 7.06 13.50 23.36
C SER B 219 6.33 12.71 24.42
N GLY B 220 5.44 11.84 23.99
CA GLY B 220 4.70 10.97 24.89
C GLY B 220 5.32 9.59 24.90
N ALA B 221 5.38 8.97 26.07
CA ALA B 221 5.99 7.66 26.17
C ALA B 221 5.02 6.66 26.77
N CYS B 222 5.54 5.47 27.05
CA CYS B 222 4.76 4.39 27.60
C CYS B 222 4.65 4.45 29.12
N ASP B 223 5.27 5.43 29.77
CA ASP B 223 5.11 5.58 31.20
C ASP B 223 3.97 6.51 31.57
N ALA B 224 2.99 6.67 30.67
CA ALA B 224 1.81 7.53 30.80
C ALA B 224 2.19 8.98 31.06
N SER B 225 3.22 9.45 30.36
CA SER B 225 3.82 10.74 30.62
C SER B 225 4.09 11.44 29.30
N ALA B 226 4.00 12.75 29.31
CA ALA B 226 4.33 13.58 28.17
C ALA B 226 5.26 14.68 28.66
N LYS B 227 6.36 14.87 27.96
CA LYS B 227 7.39 15.80 28.39
C LYS B 227 7.60 16.85 27.30
N LEU B 228 7.83 18.09 27.71
CA LEU B 228 8.06 19.19 26.79
C LEU B 228 9.53 19.55 26.81
N TRP B 229 10.18 19.47 25.65
CA TRP B 229 11.62 19.60 25.54
C TRP B 229 11.99 20.89 24.83
N ASP B 230 13.02 21.54 25.30
CA ASP B 230 13.60 22.66 24.56
C ASP B 230 14.69 22.11 23.66
N VAL B 231 14.59 22.39 22.36
CA VAL B 231 15.50 21.83 21.37
C VAL B 231 16.88 22.48 21.46
N ARG B 232 16.94 23.76 21.82
CA ARG B 232 18.23 24.43 21.95
C ARG B 232 18.93 24.03 23.25
N GLU B 233 18.22 24.07 24.37
CA GLU B 233 18.86 23.78 25.66
C GLU B 233 19.06 22.29 25.87
N GLY B 234 18.18 21.45 25.32
CA GLY B 234 18.32 20.02 25.52
C GLY B 234 17.67 19.47 26.77
N MET B 235 16.82 20.24 27.42
CA MET B 235 16.32 19.88 28.74
C MET B 235 14.83 19.62 28.66
N CYS B 236 14.32 18.95 29.70
CA CYS B 236 12.88 18.79 29.86
C CYS B 236 12.36 19.98 30.63
N ARG B 237 11.38 20.67 30.06
CA ARG B 237 10.82 21.85 30.68
C ARG B 237 9.61 21.55 31.53
N GLN B 238 8.65 20.78 31.01
CA GLN B 238 7.48 20.42 31.78
C GLN B 238 7.21 18.94 31.58
N THR B 239 6.51 18.33 32.53
CA THR B 239 6.14 16.93 32.49
C THR B 239 4.66 16.82 32.79
N PHE B 240 3.94 16.07 31.98
CA PHE B 240 2.48 16.07 31.99
C PHE B 240 1.98 14.66 32.25
N THR B 241 1.17 14.51 33.28
CA THR B 241 0.58 13.23 33.62
C THR B 241 -0.92 13.31 33.53
N GLY B 242 -1.57 12.17 33.68
CA GLY B 242 -3.02 12.13 33.66
C GLY B 242 -3.55 10.89 32.99
N HIS B 243 -2.78 10.33 32.06
CA HIS B 243 -3.19 9.09 31.43
C HIS B 243 -2.90 7.92 32.34
N GLU B 244 -3.62 6.83 32.10
CA GLU B 244 -3.35 5.61 32.85
C GLU B 244 -2.38 4.72 32.12
N SER B 245 -2.51 4.63 30.82
CA SER B 245 -1.73 3.72 30.01
C SER B 245 -0.82 4.50 29.07
N ASP B 246 -0.23 3.77 28.14
CA ASP B 246 0.80 4.29 27.25
C ASP B 246 0.23 5.30 26.27
N ILE B 247 0.82 6.48 26.24
CA ILE B 247 0.48 7.51 25.25
C ILE B 247 1.02 7.06 23.90
N ASN B 248 0.12 6.79 22.96
CA ASN B 248 0.58 6.37 21.64
C ASN B 248 0.71 7.52 20.67
N ALA B 249 -0.06 8.57 20.86
CA ALA B 249 -0.14 9.67 19.92
C ALA B 249 0.02 10.99 20.63
N ILE B 250 0.64 11.95 19.95
CA ILE B 250 0.76 13.30 20.50
C ILE B 250 0.77 14.30 19.34
N CYS B 251 0.16 15.46 19.55
CA CYS B 251 0.01 16.47 18.52
C CYS B 251 -0.17 17.84 19.13
N PHE B 252 0.58 18.81 18.64
CA PHE B 252 0.53 20.17 19.14
C PHE B 252 -0.71 20.90 18.60
N PHE B 253 -1.24 21.80 19.41
CA PHE B 253 -2.22 22.77 18.96
C PHE B 253 -1.58 23.74 17.96
N PRO B 254 -2.35 24.31 17.04
CA PRO B 254 -1.79 25.29 16.10
C PRO B 254 -1.30 26.59 16.72
N ASN B 255 -1.74 26.96 17.91
CA ASN B 255 -1.19 28.12 18.59
C ASN B 255 0.20 27.82 19.17
N GLY B 256 0.53 26.55 19.37
CA GLY B 256 1.75 26.18 20.04
C GLY B 256 1.69 26.27 21.54
N ASN B 257 0.49 26.43 22.12
CA ASN B 257 0.31 26.65 23.54
C ASN B 257 -0.40 25.50 24.22
N ALA B 258 -0.76 24.48 23.47
CA ALA B 258 -1.37 23.29 24.05
C ALA B 258 -1.01 22.12 23.17
N PHE B 259 -1.34 20.93 23.64
CA PHE B 259 -1.19 19.74 22.82
C PHE B 259 -2.21 18.71 23.28
N ALA B 260 -2.46 17.74 22.42
CA ALA B 260 -3.33 16.63 22.76
C ALA B 260 -2.57 15.32 22.70
N THR B 261 -2.88 14.43 23.63
CA THR B 261 -2.28 13.11 23.69
C THR B 261 -3.37 12.07 23.59
N GLY B 262 -3.11 11.02 22.81
CA GLY B 262 -4.00 9.88 22.74
C GLY B 262 -3.29 8.67 23.33
N SER B 263 -4.04 7.84 24.05
CA SER B 263 -3.39 6.75 24.75
C SER B 263 -4.19 5.47 24.64
N ASP B 264 -3.68 4.44 25.32
CA ASP B 264 -4.28 3.11 25.34
C ASP B 264 -5.41 2.98 26.33
N ASP B 265 -5.69 4.00 27.12
CA ASP B 265 -6.83 3.93 28.02
C ASP B 265 -8.10 4.51 27.41
N ALA B 266 -8.18 4.53 26.07
CA ALA B 266 -9.31 4.94 25.25
C ALA B 266 -9.68 6.40 25.44
N THR B 267 -8.69 7.25 25.70
CA THR B 267 -8.93 8.60 26.15
C THR B 267 -7.95 9.57 25.49
N CYS B 268 -8.48 10.62 24.89
CA CYS B 268 -7.67 11.76 24.49
C CYS B 268 -7.68 12.79 25.59
N ARG B 269 -6.58 13.51 25.76
CA ARG B 269 -6.50 14.55 26.77
C ARG B 269 -5.77 15.74 26.19
N LEU B 270 -6.28 16.93 26.49
CA LEU B 270 -5.65 18.18 26.08
C LEU B 270 -4.90 18.77 27.25
N PHE B 271 -3.64 19.14 27.04
CA PHE B 271 -2.78 19.68 28.08
C PHE B 271 -2.33 21.06 27.69
N ASP B 272 -2.42 22.02 28.60
CA ASP B 272 -1.94 23.37 28.30
C ASP B 272 -0.51 23.56 28.78
N LEU B 273 0.25 24.34 28.03
CA LEU B 273 1.64 24.54 28.37
C LEU B 273 1.82 25.63 29.42
N ARG B 274 1.15 26.77 29.25
CA ARG B 274 1.33 27.86 30.20
C ARG B 274 0.56 27.63 31.49
N ALA B 275 -0.44 26.75 31.47
CA ALA B 275 -1.14 26.38 32.69
C ALA B 275 -0.56 25.13 33.34
N ASP B 276 0.18 24.34 32.57
CA ASP B 276 0.94 23.16 33.00
C ASP B 276 0.05 22.04 33.55
N GLN B 277 -1.14 21.87 32.99
CA GLN B 277 -2.00 20.77 33.40
C GLN B 277 -2.94 20.39 32.28
N GLU B 278 -3.82 19.46 32.61
CA GLU B 278 -4.79 18.93 31.66
C GLU B 278 -6.06 19.76 31.70
N LEU B 279 -6.51 20.17 30.53
CA LEU B 279 -7.69 21.01 30.35
C LEU B 279 -8.95 20.23 30.03
N MET B 280 -8.86 19.27 29.13
CA MET B 280 -10.02 18.57 28.62
C MET B 280 -9.66 17.10 28.49
N THR B 281 -10.68 16.25 28.60
CA THR B 281 -10.53 14.83 28.36
C THR B 281 -11.66 14.35 27.45
N TYR B 282 -11.30 13.60 26.43
CA TYR B 282 -12.22 13.21 25.36
C TYR B 282 -12.43 11.71 25.49
N SER B 283 -13.48 11.31 26.17
CA SER B 283 -13.77 9.91 26.44
C SER B 283 -15.21 9.63 26.10
N HIS B 284 -15.50 8.35 25.91
CA HIS B 284 -16.87 7.88 25.75
C HIS B 284 -16.94 6.45 26.25
N ASP B 285 -18.11 6.06 26.74
CA ASP B 285 -18.26 4.75 27.34
C ASP B 285 -18.36 3.64 26.30
N ASN B 286 -18.71 3.99 25.07
CA ASN B 286 -18.62 3.00 24.00
C ASN B 286 -17.18 2.77 23.58
N ILE B 287 -16.31 3.74 23.80
CA ILE B 287 -14.93 3.66 23.38
C ILE B 287 -14.13 2.93 24.44
N ILE B 288 -13.54 1.80 24.07
CA ILE B 288 -12.71 1.03 24.98
C ILE B 288 -11.36 0.66 24.38
N CYS B 289 -11.16 0.91 23.11
CA CYS B 289 -9.92 0.57 22.44
C CYS B 289 -8.97 1.75 22.46
N GLY B 290 -7.69 1.46 22.31
CA GLY B 290 -6.66 2.49 22.38
C GLY B 290 -6.65 3.40 21.18
N ILE B 291 -6.01 4.54 21.35
CA ILE B 291 -5.97 5.60 20.35
C ILE B 291 -4.60 5.60 19.71
N THR B 292 -4.57 5.55 18.39
CA THR B 292 -3.32 5.37 17.67
C THR B 292 -2.76 6.66 17.13
N SER B 293 -3.62 7.58 16.73
CA SER B 293 -3.19 8.80 16.09
C SER B 293 -4.12 9.90 16.53
N VAL B 294 -3.55 11.09 16.75
CA VAL B 294 -4.35 12.29 16.96
C VAL B 294 -3.80 13.38 16.06
N SER B 295 -4.68 14.26 15.63
CA SER B 295 -4.27 15.51 15.01
C SER B 295 -5.38 16.53 15.20
N PHE B 296 -5.00 17.79 15.06
CA PHE B 296 -5.93 18.89 15.12
C PHE B 296 -6.26 19.38 13.71
N SER B 297 -7.35 20.10 13.59
CA SER B 297 -7.65 20.77 12.33
C SER B 297 -6.88 22.10 12.26
N LYS B 298 -7.22 22.91 11.27
CA LYS B 298 -6.44 24.13 11.03
C LYS B 298 -6.70 25.19 12.09
N SER B 299 -7.96 25.34 12.49
CA SER B 299 -8.27 26.23 13.59
C SER B 299 -7.89 25.65 14.93
N GLY B 300 -7.82 24.33 15.03
CA GLY B 300 -7.72 23.67 16.30
C GLY B 300 -9.04 23.36 16.94
N ARG B 301 -10.15 23.61 16.26
CA ARG B 301 -11.45 23.37 16.84
C ARG B 301 -11.78 21.90 16.87
N LEU B 302 -11.35 21.15 15.87
CA LEU B 302 -11.59 19.73 15.84
C LEU B 302 -10.35 18.99 16.26
N LEU B 303 -10.53 17.97 17.09
CA LEU B 303 -9.48 17.01 17.40
C LEU B 303 -9.88 15.70 16.76
N LEU B 304 -9.14 15.30 15.74
CA LEU B 304 -9.38 14.04 15.06
C LEU B 304 -8.51 12.98 15.69
N ALA B 305 -9.09 11.83 15.98
CA ALA B 305 -8.38 10.77 16.70
C ALA B 305 -8.65 9.45 16.04
N GLY B 306 -7.61 8.67 15.77
CA GLY B 306 -7.78 7.37 15.14
C GLY B 306 -7.70 6.25 16.17
N TYR B 307 -8.46 5.19 15.92
CA TYR B 307 -8.73 4.21 16.96
C TYR B 307 -8.46 2.80 16.47
N ASP B 308 -8.48 1.86 17.43
CA ASP B 308 -8.47 0.44 17.11
C ASP B 308 -9.86 -0.14 16.88
N ASP B 309 -10.95 0.63 17.02
CA ASP B 309 -12.25 0.13 16.60
C ASP B 309 -12.56 0.41 15.14
N PHE B 310 -11.51 0.68 14.36
CA PHE B 310 -11.33 0.71 12.93
C PHE B 310 -11.78 2.05 12.36
N ASN B 311 -12.17 3.00 13.19
CA ASN B 311 -12.69 4.26 12.66
C ASN B 311 -12.07 5.43 13.42
N CYS B 312 -12.28 6.62 12.89
CA CYS B 312 -11.78 7.84 13.50
C CYS B 312 -12.93 8.63 14.08
N ASN B 313 -12.68 9.32 15.18
CA ASN B 313 -13.67 10.18 15.80
C ASN B 313 -13.21 11.62 15.70
N VAL B 314 -14.14 12.48 15.33
CA VAL B 314 -13.90 13.91 15.31
C VAL B 314 -14.46 14.48 16.59
N TRP B 315 -13.57 14.98 17.43
CA TRP B 315 -13.95 15.56 18.71
C TRP B 315 -14.01 17.07 18.58
N ASP B 316 -15.04 17.66 19.14
CA ASP B 316 -15.07 19.10 19.34
C ASP B 316 -14.11 19.38 20.48
N ALA B 317 -12.96 19.97 20.16
CA ALA B 317 -11.88 20.10 21.14
C ALA B 317 -12.16 21.14 22.22
N LEU B 318 -13.10 22.04 22.00
CA LEU B 318 -13.43 23.02 23.02
C LEU B 318 -14.52 22.54 23.95
N LYS B 319 -15.38 21.62 23.51
CA LYS B 319 -16.52 21.21 24.30
C LYS B 319 -16.52 19.73 24.67
N ALA B 320 -15.54 18.96 24.18
CA ALA B 320 -15.37 17.51 24.41
C ALA B 320 -16.58 16.69 23.96
N ASP B 321 -17.18 17.10 22.86
CA ASP B 321 -18.32 16.40 22.29
C ASP B 321 -17.88 15.73 21.01
N ARG B 322 -18.40 14.54 20.75
CA ARG B 322 -18.04 13.84 19.55
C ARG B 322 -18.84 14.42 18.39
N ALA B 323 -18.14 15.00 17.43
CA ALA B 323 -18.78 15.74 16.36
C ALA B 323 -18.87 14.95 15.06
N GLY B 324 -18.33 13.74 15.01
CA GLY B 324 -18.33 13.03 13.74
C GLY B 324 -17.56 11.73 13.86
N VAL B 325 -17.85 10.84 12.92
CA VAL B 325 -17.17 9.55 12.81
C VAL B 325 -16.66 9.41 11.38
N LEU B 326 -15.39 9.10 11.24
CA LEU B 326 -14.81 8.75 9.94
C LEU B 326 -14.73 7.23 9.89
N ALA B 327 -15.68 6.59 9.21
CA ALA B 327 -15.90 5.16 9.40
C ALA B 327 -15.63 4.31 8.17
N GLY B 328 -14.50 4.52 7.51
CA GLY B 328 -14.29 3.85 6.26
C GLY B 328 -13.33 2.68 6.23
N HIS B 329 -12.67 2.37 7.32
CA HIS B 329 -11.59 1.39 7.26
C HIS B 329 -11.99 0.05 7.85
N ASP B 330 -11.36 -1.00 7.33
CA ASP B 330 -11.67 -2.37 7.73
C ASP B 330 -10.64 -2.94 8.67
N ASN B 331 -9.66 -2.16 9.07
CA ASN B 331 -8.74 -2.53 10.11
C ASN B 331 -8.39 -1.26 10.87
N ARG B 332 -7.44 -1.36 11.78
CA ARG B 332 -7.12 -0.30 12.72
C ARG B 332 -6.50 0.89 12.01
N VAL B 333 -7.05 2.08 12.27
CA VAL B 333 -6.46 3.32 11.77
C VAL B 333 -5.15 3.53 12.50
N SER B 334 -4.05 3.38 11.81
CA SER B 334 -2.76 3.47 12.45
C SER B 334 -2.15 4.85 12.39
N CYS B 335 -2.59 5.67 11.45
CA CYS B 335 -1.94 6.95 11.22
C CYS B 335 -2.94 7.89 10.60
N LEU B 336 -2.87 9.16 10.99
CA LEU B 336 -3.65 10.17 10.31
C LEU B 336 -2.90 11.49 10.27
N GLY B 337 -3.27 12.32 9.30
CA GLY B 337 -2.76 13.66 9.23
C GLY B 337 -3.67 14.64 8.54
N VAL B 338 -3.79 15.82 9.10
CA VAL B 338 -4.48 16.94 8.48
C VAL B 338 -3.44 17.74 7.72
N THR B 339 -3.80 18.23 6.53
CA THR B 339 -2.94 19.06 5.70
C THR B 339 -2.62 20.39 6.35
N ASP B 340 -1.61 21.06 5.82
CA ASP B 340 -1.29 22.41 6.26
C ASP B 340 -2.26 23.42 5.68
N ASP B 341 -2.93 23.06 4.59
CA ASP B 341 -4.05 23.84 4.06
C ASP B 341 -5.23 23.84 5.01
N GLY B 342 -5.37 22.80 5.83
CA GLY B 342 -6.58 22.55 6.56
C GLY B 342 -7.63 21.85 5.75
N MET B 343 -7.27 21.42 4.54
CA MET B 343 -8.26 21.06 3.54
C MET B 343 -8.75 19.63 3.68
N ALA B 344 -7.85 18.69 3.95
CA ALA B 344 -8.25 17.30 3.99
C ALA B 344 -7.55 16.58 5.13
N VAL B 345 -8.17 15.49 5.55
CA VAL B 345 -7.57 14.50 6.44
C VAL B 345 -7.19 13.30 5.61
N ALA B 346 -5.97 12.84 5.75
CA ALA B 346 -5.60 11.52 5.30
C ALA B 346 -5.62 10.61 6.51
N THR B 347 -6.15 9.41 6.35
CA THR B 347 -6.11 8.38 7.39
C THR B 347 -5.59 7.11 6.74
N GLY B 348 -4.52 6.58 7.26
CA GLY B 348 -3.99 5.32 6.81
C GLY B 348 -4.32 4.25 7.81
N SER B 349 -4.21 3.00 7.38
CA SER B 349 -4.71 1.93 8.22
C SER B 349 -3.99 0.62 7.96
N TRP B 350 -4.33 -0.37 8.77
CA TRP B 350 -3.77 -1.70 8.66
C TRP B 350 -4.43 -2.51 7.56
N ASP B 351 -5.50 -2.02 6.96
CA ASP B 351 -6.12 -2.72 5.84
C ASP B 351 -5.49 -2.37 4.49
N SER B 352 -4.33 -1.70 4.49
CA SER B 352 -3.45 -1.30 3.38
C SER B 352 -3.98 -0.14 2.55
N PHE B 353 -4.82 0.72 3.08
CA PHE B 353 -5.36 1.82 2.31
C PHE B 353 -5.17 3.15 3.03
N LEU B 354 -4.95 4.18 2.25
CA LEU B 354 -5.06 5.56 2.70
C LEU B 354 -6.37 6.08 2.19
N LYS B 355 -7.10 6.81 3.00
CA LYS B 355 -8.31 7.48 2.55
C LYS B 355 -8.14 8.97 2.80
N ILE B 356 -8.48 9.76 1.81
CA ILE B 356 -8.50 11.20 1.94
C ILE B 356 -9.92 11.62 2.24
N TRP B 357 -10.13 12.38 3.30
CA TRP B 357 -11.46 12.73 3.76
C TRP B 357 -11.63 14.23 3.68
N ASN B 358 -12.86 14.67 3.43
CA ASN B 358 -13.12 16.09 3.33
C ASN B 358 -14.55 16.42 3.67
N ALA C 3 25.18 3.83 41.95
CA ALA C 3 25.07 5.27 41.83
C ALA C 3 23.60 5.69 41.83
N SER C 4 22.85 5.17 42.80
CA SER C 4 21.43 5.48 42.86
C SER C 4 21.17 6.87 43.41
N ILE C 5 22.14 7.44 44.13
CA ILE C 5 21.95 8.77 44.67
C ILE C 5 22.29 9.82 43.62
N ALA C 6 23.02 9.43 42.57
CA ALA C 6 23.26 10.35 41.47
C ALA C 6 22.04 10.47 40.57
N GLN C 7 21.36 9.34 40.33
CA GLN C 7 20.13 9.35 39.55
C GLN C 7 19.01 10.06 40.30
N ALA C 8 18.93 9.83 41.62
CA ALA C 8 17.93 10.51 42.43
C ALA C 8 18.25 11.99 42.59
N ARG C 9 19.53 12.36 42.58
CA ARG C 9 19.89 13.78 42.61
C ARG C 9 19.57 14.46 41.28
N LYS C 10 19.69 13.72 40.17
CA LYS C 10 19.30 14.24 38.87
C LYS C 10 17.78 14.41 38.78
N LEU C 11 17.03 13.46 39.35
CA LEU C 11 15.57 13.57 39.41
C LEU C 11 15.13 14.70 40.33
N VAL C 12 15.86 14.92 41.42
CA VAL C 12 15.55 15.99 42.37
C VAL C 12 15.81 17.35 41.75
N GLU C 13 16.90 17.50 40.99
CA GLU C 13 17.12 18.79 40.33
C GLU C 13 16.20 18.98 39.14
N GLN C 14 15.69 17.89 38.54
CA GLN C 14 14.70 18.05 37.47
C GLN C 14 13.35 18.49 38.02
N LEU C 15 12.94 17.93 39.16
CA LEU C 15 11.72 18.39 39.83
C LEU C 15 11.89 19.78 40.40
N LYS C 16 13.10 20.18 40.74
CA LYS C 16 13.38 21.55 41.14
C LYS C 16 13.25 22.51 39.96
N MET C 17 13.70 22.10 38.78
CA MET C 17 13.56 22.96 37.61
C MET C 17 12.13 22.98 37.09
N GLU C 18 11.35 21.94 37.37
CA GLU C 18 9.94 21.94 37.00
C GLU C 18 9.04 22.59 38.03
N ALA C 19 9.51 22.79 39.25
CA ALA C 19 8.71 23.51 40.23
C ALA C 19 8.86 25.02 40.05
N ASN C 20 10.08 25.48 39.79
CA ASN C 20 10.35 26.91 39.63
C ASN C 20 9.95 27.32 38.21
N ILE C 21 8.65 27.51 38.04
CA ILE C 21 8.05 27.91 36.77
C ILE C 21 6.82 28.74 37.11
N ASP C 22 6.52 29.71 36.25
CA ASP C 22 5.37 30.57 36.43
C ASP C 22 4.22 30.06 35.57
N ARG C 23 3.09 29.78 36.21
CA ARG C 23 1.94 29.23 35.53
C ARG C 23 0.80 30.25 35.55
N ILE C 24 0.14 30.40 34.42
CA ILE C 24 -1.06 31.24 34.34
C ILE C 24 -2.26 30.42 34.80
N LYS C 25 -3.40 31.06 34.96
CA LYS C 25 -4.60 30.36 35.37
C LYS C 25 -5.15 29.52 34.23
N VAL C 26 -6.02 28.57 34.58
CA VAL C 26 -6.60 27.69 33.57
C VAL C 26 -7.72 28.44 32.83
N SER C 27 -8.33 29.43 33.50
CA SER C 27 -9.35 30.28 32.88
C SER C 27 -8.76 31.13 31.77
N LYS C 28 -7.55 31.66 31.97
CA LYS C 28 -6.88 32.45 30.96
C LYS C 28 -6.41 31.59 29.79
N ALA C 29 -5.91 30.39 30.07
CA ALA C 29 -5.41 29.53 29.01
C ALA C 29 -6.55 28.95 28.19
N ALA C 30 -7.67 28.67 28.85
CA ALA C 30 -8.88 28.24 28.15
C ALA C 30 -9.46 29.37 27.32
N ALA C 31 -9.39 30.61 27.81
CA ALA C 31 -9.87 31.75 27.06
C ALA C 31 -9.00 32.04 25.86
N ASP C 32 -7.69 31.83 25.98
CA ASP C 32 -6.79 31.99 24.85
C ASP C 32 -6.99 30.90 23.79
N LEU C 33 -7.27 29.68 24.24
CA LEU C 33 -7.51 28.59 23.30
C LEU C 33 -8.82 28.77 22.56
N MET C 34 -9.86 29.18 23.28
CA MET C 34 -11.17 29.49 22.70
C MET C 34 -11.08 30.69 21.77
N ALA C 35 -10.24 31.67 22.09
CA ALA C 35 -10.07 32.84 21.23
C ALA C 35 -9.32 32.49 19.95
N TYR C 36 -8.37 31.56 20.02
CA TYR C 36 -7.69 31.11 18.81
C TYR C 36 -8.64 30.34 17.92
N CYS C 37 -9.51 29.52 18.51
CA CYS C 37 -10.42 28.73 17.70
C CYS C 37 -11.51 29.61 17.06
N GLU C 38 -12.00 30.61 17.79
CA GLU C 38 -13.01 31.48 17.21
C GLU C 38 -12.40 32.53 16.28
N ALA C 39 -11.10 32.80 16.42
CA ALA C 39 -10.43 33.73 15.52
C ALA C 39 -9.93 33.09 14.25
N HIS C 40 -10.08 31.77 14.12
CA HIS C 40 -9.60 31.06 12.94
C HIS C 40 -10.64 30.11 12.38
N ALA C 41 -11.91 30.33 12.73
CA ALA C 41 -12.97 29.43 12.30
C ALA C 41 -13.32 29.58 10.83
N LYS C 42 -12.91 30.68 10.19
CA LYS C 42 -13.25 30.86 8.79
C LYS C 42 -12.21 30.24 7.87
N GLU C 43 -10.97 30.09 8.35
CA GLU C 43 -9.92 29.49 7.54
C GLU C 43 -9.80 27.99 7.73
N ASP C 44 -10.84 27.33 8.24
CA ASP C 44 -10.78 25.90 8.49
C ASP C 44 -11.75 25.17 7.58
N PRO C 45 -11.29 24.55 6.49
CA PRO C 45 -12.21 23.89 5.56
C PRO C 45 -12.77 22.56 6.03
N LEU C 46 -12.42 22.07 7.22
CA LEU C 46 -13.06 20.89 7.76
C LEU C 46 -14.16 21.24 8.73
N LEU C 47 -14.09 22.42 9.33
CA LEU C 47 -15.18 22.91 10.15
C LEU C 47 -16.35 23.31 9.28
N THR C 48 -16.15 24.33 8.46
CA THR C 48 -17.12 24.75 7.48
C THR C 48 -16.94 23.84 6.27
N PRO C 49 -18.00 23.23 5.74
CA PRO C 49 -17.86 22.50 4.49
C PRO C 49 -17.57 23.44 3.33
N VAL C 50 -16.46 23.18 2.66
CA VAL C 50 -15.90 24.04 1.62
C VAL C 50 -16.72 23.81 0.35
N PRO C 51 -17.06 24.87 -0.41
CA PRO C 51 -17.80 24.66 -1.66
C PRO C 51 -16.94 23.98 -2.70
N ALA C 52 -17.60 23.25 -3.61
CA ALA C 52 -16.92 22.24 -4.41
C ALA C 52 -16.10 22.83 -5.56
N SER C 53 -16.21 24.13 -5.82
CA SER C 53 -15.37 24.73 -6.85
C SER C 53 -13.94 24.91 -6.36
N GLU C 54 -13.76 25.41 -5.14
CA GLU C 54 -12.43 25.57 -4.58
C GLU C 54 -11.95 24.36 -3.81
N ASN C 55 -12.71 23.28 -3.80
CA ASN C 55 -12.28 22.05 -3.16
C ASN C 55 -11.43 21.24 -4.11
N PRO C 56 -10.16 20.96 -3.78
CA PRO C 56 -9.31 20.23 -4.71
C PRO C 56 -9.60 18.74 -4.75
N PHE C 57 -10.26 18.22 -3.75
CA PHE C 57 -10.55 16.80 -3.67
C PHE C 57 -11.97 16.56 -4.17
N ARG C 58 -12.11 16.73 -5.49
CA ARG C 58 -13.37 16.79 -6.25
C ARG C 58 -14.33 17.82 -5.68
N VAL D 39 25.55 12.72 -15.13
CA VAL D 39 24.60 12.76 -16.23
C VAL D 39 25.30 13.09 -17.53
N GLN D 40 25.23 12.19 -18.49
CA GLN D 40 25.89 12.40 -19.78
C GLN D 40 25.15 11.64 -20.85
N LEU D 41 25.06 12.22 -22.04
CA LEU D 41 24.39 11.63 -23.20
C LEU D 41 25.27 11.90 -24.42
N VAL D 42 25.75 10.84 -25.05
CA VAL D 42 26.65 10.99 -26.21
C VAL D 42 25.96 10.42 -27.43
N GLU D 43 25.52 11.30 -28.33
CA GLU D 43 24.90 10.86 -29.56
C GLU D 43 25.96 10.45 -30.57
N SER D 44 25.69 9.39 -31.30
CA SER D 44 26.66 8.83 -32.23
C SER D 44 25.94 8.39 -33.50
N GLY D 45 26.70 8.32 -34.59
CA GLY D 45 26.15 8.13 -35.90
C GLY D 45 26.26 9.40 -36.72
N GLY D 46 25.59 9.41 -37.85
CA GLY D 46 25.56 10.59 -38.68
C GLY D 46 26.79 10.76 -39.54
N GLY D 47 26.70 11.73 -40.44
CA GLY D 47 27.70 11.94 -41.46
C GLY D 47 27.06 12.03 -42.83
N LEU D 48 27.88 11.77 -43.84
CA LEU D 48 27.43 11.87 -45.22
C LEU D 48 26.52 10.70 -45.59
N VAL D 49 25.25 11.00 -45.80
CA VAL D 49 24.24 10.01 -46.15
C VAL D 49 23.65 10.42 -47.48
N GLN D 50 23.56 9.48 -48.43
CA GLN D 50 22.95 9.78 -49.72
C GLN D 50 21.43 9.95 -49.55
N PRO D 51 20.80 10.81 -50.36
CA PRO D 51 19.36 11.03 -50.20
C PRO D 51 18.55 9.83 -50.65
N GLY D 52 17.55 9.48 -49.84
CA GLY D 52 16.86 8.23 -49.96
C GLY D 52 17.45 7.10 -49.14
N GLY D 53 18.66 7.26 -48.62
CA GLY D 53 19.34 6.21 -47.89
C GLY D 53 18.87 6.02 -46.46
N SER D 54 19.75 5.56 -45.60
CA SER D 54 19.37 5.26 -44.24
C SER D 54 20.56 5.43 -43.32
N ARG D 55 20.26 5.64 -42.05
CA ARG D 55 21.24 5.82 -41.00
C ARG D 55 20.53 5.54 -39.67
N LYS D 56 21.26 4.94 -38.74
CA LYS D 56 20.77 4.78 -37.38
C LYS D 56 21.59 5.67 -36.47
N LEU D 57 20.92 6.56 -35.76
CA LEU D 57 21.56 7.33 -34.71
C LEU D 57 21.42 6.59 -33.41
N SER D 58 22.43 6.71 -32.57
CA SER D 58 22.48 6.03 -31.30
C SER D 58 22.99 6.99 -30.25
N CYS D 59 22.34 7.01 -29.10
CA CYS D 59 22.78 7.84 -27.99
C CYS D 59 22.97 6.96 -26.76
N SER D 60 24.21 6.83 -26.32
CA SER D 60 24.54 6.12 -25.10
C SER D 60 24.38 7.04 -23.91
N ALA D 61 23.74 6.55 -22.86
CA ALA D 61 23.45 7.33 -21.67
C ALA D 61 24.21 6.78 -20.49
N SER D 62 24.89 7.65 -19.76
CA SER D 62 25.73 7.23 -18.65
C SER D 62 25.57 8.20 -17.49
N GLY D 63 25.34 7.67 -16.31
CA GLY D 63 25.33 8.49 -15.12
C GLY D 63 23.97 8.82 -14.56
N PHE D 64 22.90 8.22 -15.08
CA PHE D 64 21.58 8.46 -14.52
C PHE D 64 20.71 7.24 -14.74
N ALA D 65 19.62 7.18 -14.00
CA ALA D 65 18.70 6.05 -14.04
C ALA D 65 17.88 6.14 -15.32
N PHE D 66 18.41 5.53 -16.38
CA PHE D 66 17.95 5.75 -17.75
C PHE D 66 16.56 5.19 -18.00
N SER D 67 16.17 4.15 -17.29
CA SER D 67 14.91 3.49 -17.54
C SER D 67 13.70 4.27 -17.04
N SER D 68 13.90 5.24 -16.16
CA SER D 68 12.77 6.01 -15.65
C SER D 68 12.56 7.31 -16.42
N PHE D 69 13.46 7.65 -17.32
CA PHE D 69 13.35 8.85 -18.11
C PHE D 69 12.73 8.55 -19.47
N GLY D 70 11.75 9.36 -19.85
CA GLY D 70 11.35 9.40 -21.23
C GLY D 70 12.39 10.13 -22.05
N MET D 71 12.45 9.82 -23.32
CA MET D 71 13.51 10.34 -24.16
C MET D 71 12.93 11.03 -25.37
N HIS D 72 13.60 12.07 -25.83
CA HIS D 72 13.18 12.79 -27.01
C HIS D 72 14.34 12.88 -27.98
N TRP D 73 14.02 13.02 -29.25
CA TRP D 73 14.97 13.49 -30.23
C TRP D 73 14.52 14.87 -30.68
N VAL D 74 15.44 15.82 -30.66
CA VAL D 74 15.18 17.18 -31.12
C VAL D 74 16.29 17.52 -32.08
N ARG D 75 15.95 17.82 -33.31
CA ARG D 75 16.96 18.19 -34.28
C ARG D 75 17.05 19.70 -34.44
N GLN D 76 18.03 20.13 -35.21
CA GLN D 76 18.26 21.55 -35.46
C GLN D 76 18.93 21.67 -36.81
N ALA D 77 18.19 22.14 -37.81
CA ALA D 77 18.66 22.36 -39.17
C ALA D 77 19.76 23.43 -39.17
N PRO D 78 20.80 23.33 -40.12
CA PRO D 78 22.13 23.94 -39.91
C PRO D 78 22.29 25.37 -39.41
N GLU D 79 21.31 26.25 -39.64
CA GLU D 79 21.17 27.45 -38.82
C GLU D 79 19.70 27.80 -38.58
N LYS D 80 18.82 26.81 -38.51
CA LYS D 80 17.42 27.05 -38.18
C LYS D 80 17.23 26.89 -36.68
N GLY D 81 15.98 26.79 -36.25
CA GLY D 81 15.66 26.59 -34.84
C GLY D 81 15.55 25.13 -34.48
N LEU D 82 15.07 24.89 -33.27
CA LEU D 82 14.89 23.54 -32.76
C LEU D 82 13.58 22.95 -33.26
N GLU D 83 13.61 21.67 -33.62
CA GLU D 83 12.44 20.98 -34.12
C GLU D 83 12.36 19.61 -33.49
N TRP D 84 11.27 19.35 -32.79
CA TRP D 84 11.10 18.07 -32.10
C TRP D 84 10.79 16.96 -33.09
N VAL D 85 11.42 15.81 -32.88
CA VAL D 85 11.35 14.70 -33.83
C VAL D 85 10.50 13.56 -33.28
N ALA D 86 10.87 13.02 -32.14
CA ALA D 86 10.21 11.81 -31.65
C ALA D 86 10.27 11.78 -30.15
N TYR D 87 9.52 10.84 -29.57
CA TYR D 87 9.47 10.66 -28.13
C TYR D 87 9.23 9.19 -27.85
N ILE D 88 9.96 8.62 -26.90
CA ILE D 88 9.63 7.31 -26.37
C ILE D 88 9.47 7.44 -24.86
N SER D 89 8.54 6.71 -24.30
CA SER D 89 8.23 6.84 -22.89
C SER D 89 9.23 6.03 -22.06
N SER D 90 9.12 6.15 -20.75
CA SER D 90 9.78 5.19 -19.88
C SER D 90 8.98 3.89 -19.92
N GLY D 91 9.67 2.79 -20.12
CA GLY D 91 9.00 1.53 -20.34
C GLY D 91 8.50 1.32 -21.75
N SER D 92 8.80 2.24 -22.67
CA SER D 92 8.55 2.21 -24.11
C SER D 92 7.08 2.11 -24.48
N GLY D 93 6.17 2.46 -23.57
CA GLY D 93 4.77 2.19 -23.80
C GLY D 93 4.02 3.28 -24.52
N THR D 94 4.68 4.39 -24.82
CA THR D 94 4.05 5.50 -25.51
C THR D 94 5.09 6.13 -26.42
N ILE D 95 4.78 6.18 -27.70
CA ILE D 95 5.71 6.66 -28.71
C ILE D 95 5.00 7.71 -29.56
N TYR D 96 5.59 8.89 -29.71
CA TYR D 96 5.06 9.91 -30.59
C TYR D 96 6.09 10.28 -31.63
N TYR D 97 5.62 10.86 -32.72
CA TYR D 97 6.49 11.39 -33.75
C TYR D 97 5.95 12.72 -34.24
N ALA D 98 6.85 13.53 -34.77
CA ALA D 98 6.44 14.63 -35.59
C ALA D 98 5.94 14.07 -36.91
N ASP D 99 4.98 14.75 -37.52
CA ASP D 99 4.42 14.26 -38.78
C ASP D 99 5.33 14.51 -39.98
N THR D 100 6.40 15.28 -39.81
CA THR D 100 7.43 15.42 -40.82
C THR D 100 8.21 14.13 -40.99
N VAL D 101 8.38 13.36 -39.93
CA VAL D 101 9.19 12.15 -39.94
C VAL D 101 8.38 10.89 -39.70
N LYS D 102 7.06 10.98 -39.70
CA LYS D 102 6.23 9.83 -39.34
C LYS D 102 6.20 8.82 -40.47
N GLY D 103 6.44 7.56 -40.13
CA GLY D 103 6.59 6.51 -41.11
C GLY D 103 8.02 6.26 -41.54
N ARG D 104 8.88 7.27 -41.50
CA ARG D 104 10.26 7.11 -41.90
C ARG D 104 11.23 6.90 -40.75
N PHE D 105 10.88 7.35 -39.56
CA PHE D 105 11.77 7.33 -38.41
C PHE D 105 11.17 6.38 -37.39
N THR D 106 12.04 5.67 -36.67
CA THR D 106 11.59 4.83 -35.56
C THR D 106 12.49 5.08 -34.37
N ILE D 107 11.89 5.41 -33.22
CA ILE D 107 12.63 5.63 -31.99
C ILE D 107 12.48 4.39 -31.14
N SER D 108 13.59 3.91 -30.58
CA SER D 108 13.55 2.73 -29.74
C SER D 108 14.66 2.85 -28.70
N ARG D 109 14.39 2.33 -27.52
CA ARG D 109 15.35 2.33 -26.44
C ARG D 109 15.71 0.90 -26.08
N ASP D 110 16.93 0.70 -25.60
CA ASP D 110 17.36 -0.55 -24.99
C ASP D 110 17.74 -0.22 -23.56
N ASP D 111 16.87 -0.54 -22.63
CA ASP D 111 17.05 -0.13 -21.23
C ASP D 111 18.19 -0.84 -20.48
N PRO D 112 18.53 -2.13 -20.71
CA PRO D 112 19.78 -2.64 -20.09
C PRO D 112 21.06 -2.01 -20.62
N LYS D 113 21.19 -1.77 -21.91
CA LYS D 113 22.42 -1.24 -22.47
C LYS D 113 22.51 0.28 -22.32
N ASN D 114 21.44 0.92 -21.85
CA ASN D 114 21.30 2.37 -21.64
C ASN D 114 21.57 3.14 -22.93
N THR D 115 20.80 2.82 -23.96
CA THR D 115 21.06 3.35 -25.29
C THR D 115 19.73 3.63 -25.97
N LEU D 116 19.61 4.82 -26.54
CA LEU D 116 18.44 5.26 -27.30
C LEU D 116 18.79 5.30 -28.79
N PHE D 117 17.90 4.78 -29.62
CA PHE D 117 18.11 4.71 -31.05
C PHE D 117 17.10 5.55 -31.80
N LEU D 118 17.50 6.04 -32.96
CA LEU D 118 16.58 6.63 -33.94
C LEU D 118 16.94 6.04 -35.29
N GLN D 119 16.22 4.99 -35.69
CA GLN D 119 16.42 4.40 -37.01
C GLN D 119 15.77 5.27 -38.06
N MET D 120 16.56 5.85 -38.94
CA MET D 120 16.08 6.81 -39.92
C MET D 120 16.15 6.19 -41.31
N THR D 121 15.01 6.06 -41.96
CA THR D 121 14.94 5.62 -43.34
C THR D 121 14.42 6.75 -44.20
N SER D 122 14.65 6.62 -45.51
CA SER D 122 14.17 7.52 -46.57
C SER D 122 14.63 8.96 -46.35
N LEU D 123 15.94 9.11 -46.19
CA LEU D 123 16.47 10.37 -45.69
C LEU D 123 16.49 11.42 -46.79
N ARG D 124 15.86 12.55 -46.52
CA ARG D 124 15.75 13.65 -47.46
C ARG D 124 16.74 14.74 -47.09
N SER D 125 16.84 15.74 -47.98
CA SER D 125 17.75 16.85 -47.73
C SER D 125 17.24 17.80 -46.65
N GLU D 126 15.97 17.69 -46.27
CA GLU D 126 15.43 18.40 -45.13
C GLU D 126 15.81 17.75 -43.80
N ASP D 127 16.31 16.52 -43.83
CA ASP D 127 16.75 15.86 -42.62
C ASP D 127 18.19 16.19 -42.25
N THR D 128 18.84 17.08 -43.00
CA THR D 128 20.16 17.58 -42.64
C THR D 128 20.03 18.44 -41.39
N ALA D 129 20.59 17.97 -40.28
CA ALA D 129 20.36 18.62 -39.00
C ALA D 129 21.49 18.26 -38.06
N MET D 130 21.29 18.61 -36.80
CA MET D 130 22.12 18.17 -35.68
C MET D 130 21.15 17.64 -34.65
N TYR D 131 21.25 16.36 -34.32
CA TYR D 131 20.19 15.66 -33.61
C TYR D 131 20.55 15.52 -32.15
N TYR D 132 19.70 16.04 -31.26
CA TYR D 132 19.96 16.01 -29.84
C TYR D 132 19.08 14.97 -29.16
N CYS D 133 19.65 14.23 -28.25
CA CYS D 133 18.88 13.44 -27.32
C CYS D 133 18.55 14.28 -26.11
N VAL D 134 17.30 14.23 -25.67
CA VAL D 134 16.87 14.97 -24.49
C VAL D 134 16.24 13.99 -23.53
N ARG D 135 16.64 14.02 -22.27
CA ARG D 135 15.98 13.22 -21.26
C ARG D 135 14.89 14.05 -20.62
N SER D 136 13.81 13.38 -20.23
CA SER D 136 12.66 14.07 -19.68
C SER D 136 11.87 13.12 -18.82
N ILE D 137 11.70 13.46 -17.56
CA ILE D 137 10.97 12.66 -16.59
C ILE D 137 9.71 13.42 -16.22
N TYR D 138 8.64 12.70 -15.92
CA TYR D 138 7.35 13.35 -15.71
C TYR D 138 6.70 12.78 -14.47
N TYR D 139 6.69 13.57 -13.41
CA TYR D 139 5.83 13.29 -12.28
C TYR D 139 5.36 14.63 -11.78
N TYR D 140 4.72 14.64 -10.62
CA TYR D 140 4.32 15.91 -10.05
C TYR D 140 5.54 16.68 -9.58
N GLY D 141 5.83 17.79 -10.25
CA GLY D 141 6.91 18.66 -9.87
C GLY D 141 8.25 18.31 -10.46
N SER D 142 8.26 17.55 -11.53
CA SER D 142 9.51 17.16 -12.16
C SER D 142 9.99 18.26 -13.09
N SER D 143 11.16 18.03 -13.66
CA SER D 143 11.79 18.98 -14.58
C SER D 143 12.00 18.28 -15.91
N PRO D 144 11.05 18.36 -16.84
CA PRO D 144 11.28 17.74 -18.14
C PRO D 144 12.22 18.56 -18.99
N PHE D 145 12.83 17.88 -19.95
CA PHE D 145 13.75 18.43 -20.96
C PHE D 145 15.01 19.02 -20.33
N ASP D 146 15.41 18.51 -19.18
CA ASP D 146 16.38 19.20 -18.36
C ASP D 146 17.81 18.93 -18.78
N PHE D 147 18.09 17.78 -19.39
CA PHE D 147 19.43 17.53 -19.88
C PHE D 147 19.39 17.16 -21.34
N TRP D 148 20.25 17.81 -22.12
CA TRP D 148 20.34 17.64 -23.56
C TRP D 148 21.72 17.10 -23.89
N GLY D 149 21.79 16.20 -24.85
CA GLY D 149 23.08 15.68 -25.26
C GLY D 149 23.82 16.65 -26.14
N GLN D 150 25.04 16.27 -26.50
CA GLN D 150 25.89 17.14 -27.30
C GLN D 150 25.53 17.13 -28.77
N GLY D 151 24.90 16.08 -29.24
CA GLY D 151 24.33 16.13 -30.58
C GLY D 151 25.29 15.65 -31.65
N THR D 152 24.74 14.89 -32.59
CA THR D 152 25.51 14.41 -33.73
C THR D 152 24.98 15.04 -35.01
N THR D 153 25.88 15.26 -35.95
CA THR D 153 25.56 15.95 -37.18
C THR D 153 25.27 14.95 -38.28
N LEU D 154 24.07 15.02 -38.84
CA LEU D 154 23.66 14.22 -39.98
C LEU D 154 23.53 15.15 -41.17
N THR D 155 24.30 14.92 -42.21
CA THR D 155 24.24 15.76 -43.41
C THR D 155 23.84 14.87 -44.58
N VAL D 156 22.55 14.85 -44.87
CA VAL D 156 22.04 14.19 -46.07
C VAL D 156 22.23 15.13 -47.25
N SER D 157 22.96 14.69 -48.25
CA SER D 157 23.26 15.55 -49.38
C SER D 157 23.17 14.83 -50.71
N GLY D 172 0.50 20.31 -40.95
CA GLY D 172 0.36 20.36 -39.52
C GLY D 172 -0.18 21.69 -39.00
N SER D 173 -1.44 21.97 -39.32
CA SER D 173 -2.07 23.21 -38.87
C SER D 173 -2.61 23.09 -37.45
N ALA D 174 -2.77 21.85 -36.96
CA ALA D 174 -3.27 21.65 -35.61
C ALA D 174 -2.18 21.79 -34.55
N ASP D 175 -0.93 21.94 -34.97
CA ASP D 175 0.17 22.18 -34.06
C ASP D 175 0.06 23.57 -33.47
N ILE D 176 0.41 23.69 -32.18
CA ILE D 176 0.44 24.99 -31.55
C ILE D 176 1.63 25.76 -32.08
N VAL D 177 1.38 26.94 -32.61
CA VAL D 177 2.44 27.78 -33.16
C VAL D 177 2.94 28.68 -32.06
N MET D 178 4.21 28.54 -31.73
CA MET D 178 4.89 29.44 -30.80
C MET D 178 5.62 30.47 -31.63
N THR D 179 5.26 31.73 -31.45
CA THR D 179 5.82 32.82 -32.26
C THR D 179 6.69 33.69 -31.38
N GLN D 180 8.00 33.61 -31.59
CA GLN D 180 8.93 34.54 -30.99
C GLN D 180 9.09 35.70 -31.96
N ALA D 181 8.47 36.84 -31.64
CA ALA D 181 8.29 37.92 -32.60
C ALA D 181 9.59 38.65 -32.87
N THR D 182 10.41 38.81 -31.84
CA THR D 182 11.75 39.34 -31.99
C THR D 182 12.68 38.19 -32.32
N SER D 183 13.65 38.45 -33.19
CA SER D 183 14.63 37.43 -33.52
C SER D 183 16.02 37.81 -33.04
N SER D 184 16.28 39.10 -32.82
CA SER D 184 17.60 39.54 -32.39
C SER D 184 17.50 40.79 -31.52
N VAL D 185 18.07 40.70 -30.32
CA VAL D 185 18.13 41.84 -29.41
C VAL D 185 19.60 42.13 -29.07
N PRO D 186 20.20 43.20 -29.61
CA PRO D 186 21.57 43.56 -29.21
C PRO D 186 21.59 44.28 -27.86
N VAL D 187 22.44 43.79 -26.96
CA VAL D 187 22.39 44.16 -25.53
C VAL D 187 23.81 44.18 -24.96
N THR D 188 24.14 45.26 -24.23
CA THR D 188 25.35 45.41 -23.43
C THR D 188 25.17 44.77 -22.05
N PRO D 189 26.24 44.29 -21.40
CA PRO D 189 26.07 43.60 -20.11
C PRO D 189 25.65 44.51 -18.96
N GLY D 190 24.97 43.90 -18.00
CA GLY D 190 24.44 44.59 -16.84
C GLY D 190 22.98 44.99 -16.93
N GLU D 191 22.38 44.94 -18.12
CA GLU D 191 21.03 45.43 -18.34
C GLU D 191 19.99 44.34 -18.05
N SER D 192 18.76 44.78 -17.85
CA SER D 192 17.64 43.86 -17.65
C SER D 192 16.89 43.67 -18.96
N VAL D 193 16.86 42.43 -19.46
CA VAL D 193 16.31 42.12 -20.77
C VAL D 193 15.11 41.20 -20.60
N SER D 194 14.01 41.52 -21.26
CA SER D 194 12.87 40.63 -21.34
C SER D 194 12.76 40.08 -22.75
N ILE D 195 12.46 38.79 -22.85
CA ILE D 195 12.24 38.12 -24.12
C ILE D 195 10.81 37.62 -24.15
N SER D 196 10.07 37.98 -25.20
CA SER D 196 8.66 37.66 -25.27
C SER D 196 8.39 36.55 -26.28
N CYS D 197 7.52 35.62 -25.91
CA CYS D 197 7.06 34.55 -26.78
C CYS D 197 5.54 34.59 -26.80
N ARG D 198 4.96 34.20 -27.94
CA ARG D 198 3.52 34.25 -28.11
C ARG D 198 3.01 32.90 -28.61
N SER D 199 1.94 32.43 -28.01
CA SER D 199 1.39 31.12 -28.30
C SER D 199 0.08 31.25 -29.07
N SER D 200 -0.14 30.32 -30.00
CA SER D 200 -1.38 30.31 -30.77
C SER D 200 -2.56 29.87 -29.91
N LYS D 201 -2.32 28.99 -28.96
CA LYS D 201 -3.33 28.42 -28.09
C LYS D 201 -3.03 28.83 -26.67
N SER D 202 -4.03 28.77 -25.79
CA SER D 202 -3.78 29.04 -24.39
C SER D 202 -3.11 27.83 -23.77
N LEU D 203 -1.85 28.00 -23.37
CA LEU D 203 -1.08 26.91 -22.79
C LEU D 203 -1.47 26.62 -21.35
N LEU D 204 -2.29 27.47 -20.73
CA LEU D 204 -2.86 27.18 -19.43
C LEU D 204 -3.83 26.01 -19.53
N HIS D 205 -3.63 25.02 -18.68
CA HIS D 205 -4.49 23.86 -18.63
C HIS D 205 -5.46 24.01 -17.46
N SER D 206 -6.46 23.13 -17.42
CA SER D 206 -7.44 23.11 -16.35
C SER D 206 -6.85 22.64 -15.02
N ASN D 207 -5.70 21.96 -15.03
CA ASN D 207 -5.07 21.63 -13.76
C ASN D 207 -4.36 22.82 -13.14
N GLY D 208 -4.09 23.87 -13.91
CA GLY D 208 -3.49 25.08 -13.40
C GLY D 208 -2.09 25.34 -13.89
N ASN D 209 -1.45 24.36 -14.51
CA ASN D 209 -0.14 24.57 -15.10
C ASN D 209 -0.29 25.21 -16.45
N THR D 210 0.61 26.11 -16.78
CA THR D 210 0.75 26.61 -18.14
C THR D 210 2.07 26.07 -18.64
N TYR D 211 2.00 25.15 -19.59
CA TYR D 211 3.14 24.35 -20.02
C TYR D 211 3.96 25.13 -21.03
N LEU D 212 4.89 25.92 -20.54
CA LEU D 212 5.80 26.66 -21.39
C LEU D 212 7.21 26.58 -20.83
N TYR D 213 8.16 26.21 -21.69
CA TYR D 213 9.50 25.87 -21.31
C TYR D 213 10.45 26.81 -22.01
N TRP D 214 11.49 27.26 -21.31
CA TRP D 214 12.46 28.18 -21.88
C TRP D 214 13.82 27.52 -21.96
N PHE D 215 14.47 27.64 -23.09
CA PHE D 215 15.78 27.05 -23.30
C PHE D 215 16.74 28.11 -23.76
N LEU D 216 18.02 27.91 -23.47
CA LEU D 216 19.06 28.80 -23.94
C LEU D 216 20.12 27.96 -24.62
N GLN D 217 20.42 28.29 -25.87
CA GLN D 217 21.50 27.66 -26.59
C GLN D 217 22.64 28.66 -26.68
N ARG D 218 23.68 28.44 -25.90
CA ARG D 218 24.91 29.20 -26.00
C ARG D 218 25.63 28.81 -27.31
N PRO D 219 26.49 29.69 -27.84
CA PRO D 219 27.13 29.40 -29.14
C PRO D 219 28.10 28.22 -29.12
N GLY D 220 27.78 27.22 -29.93
CA GLY D 220 28.56 26.01 -29.98
C GLY D 220 28.23 25.00 -28.90
N GLN D 221 27.03 25.07 -28.34
CA GLN D 221 26.67 24.21 -27.23
C GLN D 221 25.28 23.64 -27.45
N SER D 222 24.89 22.78 -26.55
CA SER D 222 23.56 22.23 -26.49
C SER D 222 22.64 23.25 -25.83
N PRO D 223 21.35 23.19 -26.12
CA PRO D 223 20.40 23.97 -25.33
C PRO D 223 20.29 23.43 -23.92
N GLN D 224 20.10 24.33 -22.97
CA GLN D 224 19.86 23.92 -21.61
C GLN D 224 18.61 24.58 -21.11
N LEU D 225 17.87 23.87 -20.27
CA LEU D 225 16.60 24.36 -19.76
C LEU D 225 16.83 25.48 -18.76
N LEU D 226 16.15 26.60 -18.99
CA LEU D 226 16.16 27.71 -18.06
C LEU D 226 14.96 27.70 -17.14
N ILE D 227 13.77 27.52 -17.70
CA ILE D 227 12.53 27.65 -16.97
C ILE D 227 11.59 26.59 -17.49
N TYR D 228 10.91 25.90 -16.59
CA TYR D 228 9.94 24.89 -16.93
C TYR D 228 8.60 25.29 -16.32
N ARG D 229 7.53 25.05 -17.09
CA ARG D 229 6.13 25.33 -16.74
C ARG D 229 5.91 26.79 -16.38
N MET D 230 6.50 27.67 -17.19
CA MET D 230 6.36 29.12 -17.33
C MET D 230 6.97 29.94 -16.22
N SER D 231 7.21 29.37 -15.06
CA SER D 231 7.74 30.19 -13.98
C SER D 231 8.79 29.52 -13.13
N ASN D 232 8.91 28.21 -13.14
CA ASN D 232 9.77 27.50 -12.21
C ASN D 232 11.19 27.50 -12.74
N LEU D 233 12.12 27.93 -11.91
CA LEU D 233 13.51 27.99 -12.30
C LEU D 233 14.13 26.62 -12.24
N ALA D 234 14.92 26.28 -13.25
CA ALA D 234 15.54 24.98 -13.34
C ALA D 234 16.72 24.88 -12.38
N SER D 235 17.21 23.67 -12.20
CA SER D 235 18.34 23.44 -11.32
C SER D 235 19.63 23.89 -12.00
N GLY D 236 20.47 24.59 -11.23
CA GLY D 236 21.73 25.05 -11.77
C GLY D 236 21.61 26.31 -12.59
N VAL D 237 20.54 27.06 -12.40
CA VAL D 237 20.25 28.26 -13.18
C VAL D 237 20.18 29.42 -12.20
N PRO D 238 20.84 30.55 -12.47
CA PRO D 238 20.79 31.67 -11.53
C PRO D 238 19.41 32.32 -11.48
N ASP D 239 19.19 33.12 -10.44
CA ASP D 239 17.92 33.82 -10.27
C ASP D 239 17.88 35.16 -11.02
N ARG D 240 18.84 35.38 -11.92
CA ARG D 240 18.69 36.40 -12.95
C ARG D 240 17.48 36.12 -13.83
N PHE D 241 17.23 34.86 -14.14
CA PHE D 241 16.19 34.47 -15.07
C PHE D 241 14.87 34.33 -14.32
N SER D 242 13.80 34.85 -14.93
CA SER D 242 12.47 34.80 -14.36
C SER D 242 11.45 34.70 -15.48
N GLY D 243 10.34 34.05 -15.19
CA GLY D 243 9.33 33.79 -16.20
C GLY D 243 7.94 34.14 -15.72
N SER D 244 7.10 34.65 -16.61
CA SER D 244 5.77 35.10 -16.26
C SER D 244 4.88 35.08 -17.47
N GLY D 245 3.58 35.15 -17.22
CA GLY D 245 2.61 35.28 -18.29
C GLY D 245 1.26 34.74 -17.89
N SER D 246 0.28 35.10 -18.69
CA SER D 246 -1.03 34.44 -18.70
C SER D 246 -0.96 33.33 -19.75
N GLY D 247 -2.12 32.87 -20.20
CA GLY D 247 -2.12 32.09 -21.42
C GLY D 247 -1.75 32.96 -22.61
N THR D 248 -1.11 32.37 -23.62
CA THR D 248 -0.76 32.89 -24.95
C THR D 248 0.29 34.01 -24.99
N ALA D 249 0.72 34.57 -23.87
CA ALA D 249 1.73 35.62 -23.90
C ALA D 249 2.68 35.42 -22.73
N PHE D 250 3.97 35.32 -23.03
CA PHE D 250 4.96 34.82 -22.08
C PHE D 250 6.19 35.71 -22.13
N THR D 251 6.88 35.79 -20.99
CA THR D 251 8.03 36.66 -20.87
C THR D 251 9.15 35.94 -20.14
N LEU D 252 10.37 36.10 -20.63
CA LEU D 252 11.56 35.63 -19.95
C LEU D 252 12.43 36.83 -19.61
N THR D 253 12.46 37.20 -18.35
CA THR D 253 13.19 38.37 -17.89
C THR D 253 14.58 37.96 -17.43
N ILE D 254 15.60 38.35 -18.18
CA ILE D 254 16.98 38.22 -17.74
C ILE D 254 17.34 39.51 -17.04
N SER D 255 17.33 39.51 -15.71
CA SER D 255 17.67 40.68 -14.92
C SER D 255 19.16 40.66 -14.62
N ARG D 256 19.83 41.79 -14.92
CA ARG D 256 21.28 42.00 -14.76
C ARG D 256 22.09 40.97 -15.56
N LEU D 257 22.04 41.17 -16.87
CA LEU D 257 22.64 40.28 -17.85
C LEU D 257 24.16 40.22 -17.73
N GLU D 258 24.70 39.01 -17.79
CA GLU D 258 26.13 38.77 -17.89
C GLU D 258 26.47 38.23 -19.27
N ALA D 259 27.77 38.03 -19.51
CA ALA D 259 28.23 37.61 -20.82
C ALA D 259 27.97 36.14 -21.11
N GLU D 260 27.62 35.35 -20.09
CA GLU D 260 27.29 33.95 -20.31
C GLU D 260 25.85 33.75 -20.78
N ASP D 261 25.03 34.80 -20.74
CA ASP D 261 23.66 34.72 -21.19
C ASP D 261 23.49 34.96 -22.68
N VAL D 262 24.59 35.12 -23.41
CA VAL D 262 24.54 35.35 -24.85
C VAL D 262 24.19 34.06 -25.56
N GLY D 263 23.16 34.11 -26.39
CA GLY D 263 22.78 32.97 -27.19
C GLY D 263 21.34 33.10 -27.63
N VAL D 264 20.86 32.07 -28.28
CA VAL D 264 19.51 32.04 -28.80
C VAL D 264 18.59 31.45 -27.75
N TYR D 265 17.45 32.07 -27.55
CA TYR D 265 16.49 31.69 -26.52
C TYR D 265 15.24 31.16 -27.20
N TYR D 266 14.79 29.98 -26.76
CA TYR D 266 13.70 29.27 -27.39
C TYR D 266 12.57 29.06 -26.40
N CYS D 267 11.35 29.36 -26.80
CA CYS D 267 10.22 28.88 -26.02
C CYS D 267 9.80 27.52 -26.55
N MET D 268 9.08 26.77 -25.73
CA MET D 268 8.58 25.48 -26.14
C MET D 268 7.32 25.20 -25.35
N GLN D 269 6.31 24.67 -26.00
CA GLN D 269 5.11 24.23 -25.31
C GLN D 269 5.23 22.74 -25.05
N HIS D 270 4.61 22.29 -23.97
CA HIS D 270 4.49 20.88 -23.69
C HIS D 270 3.07 20.55 -23.31
N LEU D 271 2.12 21.26 -23.90
CA LEU D 271 0.72 21.01 -23.64
C LEU D 271 0.19 19.88 -24.50
N GLU D 272 0.66 19.76 -25.73
CA GLU D 272 0.10 18.81 -26.66
C GLU D 272 1.19 18.31 -27.58
N TYR D 273 1.19 17.03 -27.84
CA TYR D 273 2.08 16.54 -28.87
C TYR D 273 1.48 16.83 -30.25
N PRO D 274 2.28 17.28 -31.23
CA PRO D 274 3.73 17.49 -31.28
C PRO D 274 4.24 18.73 -30.55
N LEU D 275 5.43 18.61 -30.01
CA LEU D 275 6.03 19.71 -29.28
C LEU D 275 6.66 20.66 -30.26
N THR D 276 6.41 21.94 -30.05
CA THR D 276 6.80 22.94 -31.03
C THR D 276 7.58 24.03 -30.34
N PHE D 277 8.62 24.47 -30.99
CA PHE D 277 9.50 25.49 -30.44
C PHE D 277 9.19 26.82 -31.09
N GLY D 278 9.77 27.87 -30.54
CA GLY D 278 9.79 29.14 -31.20
C GLY D 278 10.86 29.17 -32.26
N ALA D 279 10.92 30.28 -32.97
CA ALA D 279 11.96 30.44 -33.97
C ALA D 279 13.29 30.78 -33.33
N GLY D 280 13.28 31.37 -32.16
CA GLY D 280 14.49 31.71 -31.44
C GLY D 280 14.74 33.21 -31.43
N THR D 281 15.35 33.67 -30.34
CA THR D 281 15.70 35.08 -30.18
C THR D 281 17.17 35.17 -29.85
N LYS D 282 17.97 35.63 -30.81
CA LYS D 282 19.39 35.82 -30.63
C LYS D 282 19.66 37.01 -29.71
N LEU D 283 20.64 36.87 -28.82
CA LEU D 283 21.17 37.99 -28.07
C LEU D 283 22.64 38.14 -28.44
N GLU D 284 23.06 39.38 -28.69
CA GLU D 284 24.45 39.66 -29.01
C GLU D 284 25.01 40.68 -28.02
N LEU D 285 26.32 40.61 -27.82
CA LEU D 285 27.01 41.61 -27.02
C LEU D 285 27.10 42.92 -27.79
N LEU E 22 -38.42 -20.71 -27.85
CA LEU E 22 -38.38 -22.08 -27.36
C LEU E 22 -39.26 -22.28 -26.13
N LEU E 23 -40.14 -21.33 -25.83
CA LEU E 23 -41.02 -21.45 -24.68
C LEU E 23 -42.50 -21.43 -25.07
N LEU E 24 -42.83 -21.29 -26.36
CA LEU E 24 -44.22 -21.20 -26.75
C LEU E 24 -44.76 -22.51 -27.34
N LEU E 25 -44.16 -23.65 -26.99
CA LEU E 25 -44.65 -24.91 -27.54
C LEU E 25 -45.90 -25.37 -26.81
N CYS E 26 -46.05 -25.03 -25.53
CA CYS E 26 -47.21 -25.44 -24.78
C CYS E 26 -47.97 -24.25 -24.19
N GLY E 27 -47.27 -23.36 -23.49
CA GLY E 27 -47.84 -22.07 -23.13
C GLY E 27 -48.48 -21.97 -21.76
N LYS E 28 -49.59 -22.67 -21.54
CA LYS E 28 -50.28 -22.58 -20.26
C LYS E 28 -49.62 -23.41 -19.16
N GLU E 29 -48.95 -24.50 -19.53
CA GLU E 29 -48.28 -25.35 -18.56
C GLU E 29 -46.93 -24.80 -18.11
N THR E 30 -46.43 -23.78 -18.81
CA THR E 30 -45.04 -23.35 -18.68
C THR E 30 -44.92 -22.13 -17.74
N LEU E 31 -46.05 -21.61 -17.24
CA LEU E 31 -46.10 -20.20 -16.82
C LEU E 31 -45.43 -19.96 -15.48
N ILE E 32 -45.64 -20.83 -14.50
CA ILE E 32 -45.04 -20.68 -13.17
C ILE E 32 -43.51 -20.86 -13.14
N PRO E 33 -42.88 -21.79 -13.89
CA PRO E 33 -41.41 -21.73 -14.00
C PRO E 33 -40.86 -20.48 -14.65
N VAL E 34 -41.63 -19.75 -15.46
CA VAL E 34 -41.13 -18.50 -16.03
C VAL E 34 -41.06 -17.40 -14.97
N PHE E 35 -41.98 -17.42 -14.01
CA PHE E 35 -41.89 -16.49 -12.89
C PHE E 35 -40.73 -16.85 -11.97
N LEU E 36 -40.47 -18.17 -11.82
CA LEU E 36 -39.28 -18.59 -11.09
C LEU E 36 -37.98 -18.21 -11.81
N ILE E 37 -37.95 -18.36 -13.14
CA ILE E 37 -36.80 -18.01 -13.98
C ILE E 37 -36.51 -16.52 -13.89
N LEU E 38 -37.57 -15.70 -13.90
CA LEU E 38 -37.41 -14.25 -13.82
C LEU E 38 -36.92 -13.79 -12.45
N PHE E 39 -37.49 -14.33 -11.37
CA PHE E 39 -37.09 -13.90 -10.03
C PHE E 39 -35.68 -14.35 -9.68
N ILE E 40 -35.36 -15.61 -9.97
CA ILE E 40 -34.04 -16.17 -9.71
C ILE E 40 -33.00 -15.53 -10.62
N ALA E 41 -33.37 -15.20 -11.86
CA ALA E 41 -32.43 -14.61 -12.78
C ALA E 41 -32.16 -13.15 -12.47
N LEU E 42 -33.14 -12.40 -11.94
CA LEU E 42 -32.85 -11.03 -11.54
C LEU E 42 -32.00 -10.98 -10.27
N VAL E 43 -32.25 -11.88 -9.31
CA VAL E 43 -31.43 -11.83 -8.09
C VAL E 43 -30.03 -12.38 -8.37
N GLY E 44 -29.90 -13.26 -9.37
CA GLY E 44 -28.58 -13.71 -9.77
C GLY E 44 -27.85 -12.72 -10.63
N LEU E 45 -28.58 -11.91 -11.39
CA LEU E 45 -27.99 -10.78 -12.10
C LEU E 45 -27.49 -9.72 -11.14
N VAL E 46 -28.22 -9.53 -10.04
CA VAL E 46 -27.79 -8.61 -8.97
C VAL E 46 -26.52 -9.13 -8.30
N GLY E 47 -26.48 -10.43 -7.98
CA GLY E 47 -25.31 -10.99 -7.32
C GLY E 47 -24.08 -11.06 -8.22
N ASN E 48 -24.29 -11.41 -9.49
CA ASN E 48 -23.19 -11.40 -10.44
C ASN E 48 -22.74 -9.99 -10.79
N GLY E 49 -23.65 -9.01 -10.74
CA GLY E 49 -23.25 -7.63 -10.97
C GLY E 49 -22.44 -7.08 -9.82
N PHE E 50 -22.78 -7.49 -8.60
CA PHE E 50 -21.98 -7.09 -7.43
C PHE E 50 -20.60 -7.74 -7.44
N VAL E 51 -20.52 -9.02 -7.85
CA VAL E 51 -19.22 -9.70 -7.92
C VAL E 51 -18.37 -9.11 -9.05
N LEU E 52 -19.01 -8.75 -10.17
CA LEU E 52 -18.30 -8.17 -11.30
C LEU E 52 -17.80 -6.76 -10.98
N TRP E 53 -18.60 -5.97 -10.27
CA TRP E 53 -18.18 -4.62 -9.88
C TRP E 53 -17.07 -4.66 -8.83
N LEU E 54 -17.24 -5.49 -7.78
CA LEU E 54 -16.29 -5.57 -6.69
C LEU E 54 -14.94 -6.11 -7.15
N LEU E 55 -14.94 -7.23 -7.85
CA LEU E 55 -13.68 -7.79 -8.31
C LEU E 55 -13.14 -7.07 -9.53
N GLY E 56 -13.95 -6.31 -10.26
CA GLY E 56 -13.40 -5.60 -11.39
C GLY E 56 -12.70 -4.34 -10.96
N PHE E 57 -13.28 -3.61 -10.01
CA PHE E 57 -12.72 -2.32 -9.64
C PHE E 57 -12.35 -2.22 -8.17
N ARG E 58 -13.23 -2.64 -7.26
CA ARG E 58 -13.09 -2.24 -5.87
C ARG E 58 -12.12 -3.10 -5.09
N MET E 59 -12.20 -4.42 -5.24
CA MET E 59 -11.41 -5.34 -4.46
C MET E 59 -10.11 -5.66 -5.17
N ARG E 60 -9.15 -6.17 -4.40
CA ARG E 60 -7.89 -6.60 -4.95
C ARG E 60 -7.97 -8.09 -5.31
N ARG E 61 -7.47 -8.41 -6.48
CA ARG E 61 -7.63 -9.73 -7.07
C ARG E 61 -6.38 -10.56 -6.85
N ASN E 62 -6.55 -11.77 -6.33
CA ASN E 62 -5.51 -12.78 -6.40
C ASN E 62 -5.75 -13.64 -7.64
N ALA E 63 -5.07 -14.78 -7.75
CA ALA E 63 -5.14 -15.57 -8.97
C ALA E 63 -6.44 -16.37 -9.05
N PHE E 64 -7.09 -16.59 -7.92
CA PHE E 64 -8.37 -17.28 -7.90
C PHE E 64 -9.51 -16.33 -8.27
N SER E 65 -9.30 -15.03 -8.06
CA SER E 65 -10.34 -14.06 -8.32
C SER E 65 -10.57 -13.84 -9.82
N VAL E 66 -9.58 -14.20 -10.64
CA VAL E 66 -9.77 -14.20 -12.08
C VAL E 66 -10.79 -15.25 -12.50
N TYR E 67 -10.72 -16.43 -11.88
CA TYR E 67 -11.70 -17.49 -12.12
C TYR E 67 -13.08 -17.10 -11.60
N VAL E 68 -13.13 -16.44 -10.45
CA VAL E 68 -14.41 -16.04 -9.89
C VAL E 68 -15.06 -14.93 -10.73
N LEU E 69 -14.23 -14.03 -11.26
CA LEU E 69 -14.69 -12.95 -12.11
C LEU E 69 -15.19 -13.46 -13.46
N SER E 70 -14.48 -14.40 -14.06
CA SER E 70 -14.91 -14.91 -15.35
C SER E 70 -16.11 -15.84 -15.21
N LEU E 71 -16.25 -16.50 -14.06
CA LEU E 71 -17.46 -17.28 -13.79
C LEU E 71 -18.67 -16.38 -13.60
N ALA E 72 -18.49 -15.23 -12.93
CA ALA E 72 -19.60 -14.29 -12.78
C ALA E 72 -19.93 -13.60 -14.10
N GLY E 73 -18.95 -13.45 -14.99
CA GLY E 73 -19.25 -12.94 -16.32
C GLY E 73 -20.05 -13.91 -17.17
N ALA E 74 -19.71 -15.20 -17.09
CA ALA E 74 -20.50 -16.25 -17.73
C ALA E 74 -21.91 -16.33 -17.17
N ASP E 75 -22.05 -16.19 -15.86
CA ASP E 75 -23.37 -16.23 -15.23
C ASP E 75 -24.18 -14.98 -15.56
N PHE E 76 -23.51 -13.84 -15.75
CA PHE E 76 -24.19 -12.60 -16.11
C PHE E 76 -24.75 -12.68 -17.53
N LEU E 77 -23.95 -13.23 -18.46
CA LEU E 77 -24.42 -13.41 -19.83
C LEU E 77 -25.54 -14.43 -19.92
N PHE E 78 -25.43 -15.52 -19.17
CA PHE E 78 -26.46 -16.57 -19.19
C PHE E 78 -27.75 -16.10 -18.55
N LEU E 79 -27.66 -15.34 -17.45
CA LEU E 79 -28.87 -14.94 -16.77
C LEU E 79 -29.56 -13.76 -17.45
N CYS E 80 -28.81 -12.89 -18.12
CA CYS E 80 -29.47 -11.84 -18.88
C CYS E 80 -30.11 -12.39 -20.14
N PHE E 81 -29.51 -13.43 -20.75
CA PHE E 81 -30.20 -14.07 -21.86
C PHE E 81 -31.41 -14.89 -21.42
N GLN E 82 -31.39 -15.42 -20.20
CA GLN E 82 -32.61 -16.05 -19.71
C GLN E 82 -33.68 -15.04 -19.33
N ILE E 83 -33.27 -13.83 -18.94
CA ILE E 83 -34.23 -12.75 -18.69
C ILE E 83 -34.86 -12.30 -20.01
N ILE E 84 -34.08 -12.26 -21.09
CA ILE E 84 -34.58 -11.88 -22.41
C ILE E 84 -35.55 -12.93 -22.96
N ASN E 85 -35.17 -14.22 -22.85
CA ASN E 85 -36.07 -15.28 -23.33
C ASN E 85 -37.25 -15.49 -22.37
N CYS E 86 -37.16 -15.00 -21.15
CA CYS E 86 -38.34 -14.95 -20.29
C CYS E 86 -39.28 -13.82 -20.69
N LEU E 87 -38.73 -12.66 -21.05
CA LEU E 87 -39.57 -11.51 -21.36
C LEU E 87 -40.21 -11.63 -22.74
N VAL E 88 -39.61 -12.45 -23.62
CA VAL E 88 -40.24 -12.75 -24.90
C VAL E 88 -41.51 -13.59 -24.70
N TYR E 89 -41.44 -14.61 -23.84
CA TYR E 89 -42.60 -15.43 -23.47
C TYR E 89 -43.63 -14.61 -22.72
N LEU E 90 -43.19 -13.69 -21.87
CA LEU E 90 -44.14 -12.91 -21.09
C LEU E 90 -44.84 -11.85 -21.94
N SER E 91 -44.11 -11.29 -22.92
CA SER E 91 -44.71 -10.35 -23.85
C SER E 91 -45.66 -11.05 -24.81
N ASN E 92 -45.38 -12.30 -25.15
CA ASN E 92 -46.33 -13.06 -25.96
C ASN E 92 -47.52 -13.54 -25.16
N PHE E 93 -47.34 -13.86 -23.88
CA PHE E 93 -48.45 -14.39 -23.10
C PHE E 93 -49.41 -13.31 -22.66
N PHE E 94 -48.90 -12.28 -21.98
CA PHE E 94 -49.83 -11.34 -21.36
C PHE E 94 -50.37 -10.32 -22.37
N CYS E 95 -49.50 -9.48 -22.93
CA CYS E 95 -49.97 -8.41 -23.79
C CYS E 95 -49.94 -8.79 -25.27
N SER E 96 -49.49 -10.01 -25.60
CA SER E 96 -49.52 -10.62 -26.93
C SER E 96 -48.74 -9.82 -27.99
N ILE E 97 -47.42 -9.72 -27.81
CA ILE E 97 -46.51 -9.23 -28.82
C ILE E 97 -45.44 -10.30 -29.05
N SER E 98 -45.35 -10.78 -30.28
CA SER E 98 -44.36 -11.79 -30.64
C SER E 98 -43.05 -11.08 -30.97
N ILE E 99 -42.20 -10.90 -29.97
CA ILE E 99 -40.91 -10.26 -30.19
C ILE E 99 -39.97 -11.27 -30.81
N ASN E 100 -39.44 -10.94 -31.98
CA ASN E 100 -38.52 -11.82 -32.69
C ASN E 100 -37.10 -11.38 -32.40
N PHE E 101 -36.64 -11.63 -31.16
CA PHE E 101 -35.24 -11.52 -30.81
C PHE E 101 -34.47 -12.64 -31.51
N PRO E 102 -33.28 -12.37 -32.05
CA PRO E 102 -32.72 -13.26 -33.08
C PRO E 102 -32.17 -14.55 -32.49
N SER E 103 -32.14 -15.59 -33.32
CA SER E 103 -31.83 -16.92 -32.80
C SER E 103 -30.35 -17.16 -32.64
N PHE E 104 -29.49 -16.19 -32.94
CA PHE E 104 -28.09 -16.29 -32.55
C PHE E 104 -27.84 -15.86 -31.11
N PHE E 105 -28.88 -15.41 -30.40
CA PHE E 105 -28.77 -15.19 -28.97
C PHE E 105 -28.65 -16.50 -28.20
N THR E 106 -29.23 -17.57 -28.75
CA THR E 106 -29.14 -18.91 -28.18
C THR E 106 -27.70 -19.42 -28.16
N THR E 107 -26.92 -19.09 -29.19
CA THR E 107 -25.52 -19.49 -29.27
C THR E 107 -24.67 -18.79 -28.21
N VAL E 108 -24.92 -17.52 -27.95
CA VAL E 108 -24.17 -16.82 -26.91
C VAL E 108 -24.65 -17.26 -25.51
N MET E 109 -25.91 -17.69 -25.39
CA MET E 109 -26.40 -18.26 -24.14
C MET E 109 -25.73 -19.60 -23.83
N THR E 110 -25.55 -20.44 -24.85
CA THR E 110 -24.86 -21.72 -24.64
C THR E 110 -23.36 -21.52 -24.43
N CYS E 111 -22.78 -20.47 -25.04
CA CYS E 111 -21.38 -20.14 -24.79
C CYS E 111 -21.16 -19.71 -23.35
N ALA E 112 -22.11 -18.94 -22.80
CA ALA E 112 -22.06 -18.54 -21.40
C ALA E 112 -22.24 -19.74 -20.47
N TYR E 113 -23.11 -20.66 -20.84
CA TYR E 113 -23.37 -21.86 -20.03
C TYR E 113 -22.15 -22.78 -19.98
N LEU E 114 -21.52 -23.00 -21.14
CA LEU E 114 -20.37 -23.88 -21.20
C LEU E 114 -19.15 -23.26 -20.55
N ALA E 115 -19.00 -21.94 -20.65
CA ALA E 115 -17.88 -21.29 -19.99
C ALA E 115 -18.08 -21.25 -18.48
N GLY E 116 -19.33 -21.18 -18.01
CA GLY E 116 -19.58 -21.25 -16.59
C GLY E 116 -19.29 -22.61 -15.98
N LEU E 117 -19.69 -23.68 -16.67
CA LEU E 117 -19.40 -25.02 -16.15
C LEU E 117 -17.92 -25.37 -16.26
N SER E 118 -17.23 -24.85 -17.27
CA SER E 118 -15.79 -25.06 -17.34
C SER E 118 -15.05 -24.24 -16.29
N MET E 119 -15.61 -23.11 -15.88
CA MET E 119 -15.01 -22.35 -14.79
C MET E 119 -15.18 -23.05 -13.46
N LEU E 120 -16.30 -23.77 -13.28
CA LEU E 120 -16.48 -24.55 -12.06
C LEU E 120 -15.51 -25.70 -11.96
N SER E 121 -15.27 -26.39 -13.08
CA SER E 121 -14.26 -27.46 -13.09
C SER E 121 -12.84 -26.93 -12.94
N THR E 122 -12.59 -25.71 -13.45
CA THR E 122 -11.29 -25.08 -13.28
C THR E 122 -11.01 -24.69 -11.84
N VAL E 123 -12.03 -24.15 -11.15
CA VAL E 123 -11.91 -23.79 -9.75
C VAL E 123 -11.65 -25.01 -8.88
N SER E 124 -12.37 -26.11 -9.16
CA SER E 124 -12.18 -27.35 -8.41
C SER E 124 -10.80 -27.97 -8.66
N THR E 125 -10.30 -27.87 -9.90
CA THR E 125 -8.97 -28.36 -10.21
C THR E 125 -7.89 -27.50 -9.56
N GLU E 126 -8.15 -26.19 -9.43
CA GLU E 126 -7.16 -25.30 -8.82
C GLU E 126 -7.06 -25.52 -7.32
N ARG E 127 -8.18 -25.83 -6.66
CA ARG E 127 -8.15 -26.17 -5.24
C ARG E 127 -7.44 -27.50 -4.99
N CYS E 128 -7.67 -28.48 -5.86
CA CYS E 128 -6.97 -29.76 -5.76
C CYS E 128 -5.48 -29.61 -6.00
N LEU E 129 -5.09 -28.73 -6.92
CA LEU E 129 -3.67 -28.50 -7.18
C LEU E 129 -3.01 -27.70 -6.07
N SER E 130 -3.76 -26.83 -5.39
CA SER E 130 -3.19 -26.08 -4.31
C SER E 130 -2.95 -26.93 -3.08
N VAL E 131 -3.77 -27.97 -2.89
CA VAL E 131 -3.50 -28.85 -1.75
C VAL E 131 -2.49 -29.95 -2.08
N LEU E 132 -2.53 -30.50 -3.30
CA LEU E 132 -1.64 -31.62 -3.63
C LEU E 132 -0.21 -31.17 -3.87
N TRP E 133 -0.02 -30.09 -4.60
CA TRP E 133 1.32 -29.56 -4.79
C TRP E 133 1.39 -28.17 -4.17
N PRO E 134 1.60 -28.04 -2.87
CA PRO E 134 1.43 -26.72 -2.26
C PRO E 134 2.62 -25.80 -2.41
N ILE E 135 3.83 -26.36 -2.48
CA ILE E 135 5.03 -25.52 -2.61
C ILE E 135 5.16 -25.03 -4.04
N TRP E 136 4.75 -25.86 -5.02
CA TRP E 136 4.65 -25.42 -6.40
C TRP E 136 3.59 -24.34 -6.57
N TYR E 137 2.44 -24.50 -5.92
CA TYR E 137 1.38 -23.52 -6.04
C TYR E 137 1.72 -22.22 -5.33
N ARG E 138 2.48 -22.28 -4.25
CA ARG E 138 2.88 -21.05 -3.60
C ARG E 138 4.00 -20.34 -4.35
N CYS E 139 4.99 -21.09 -4.85
CA CYS E 139 6.17 -20.49 -5.43
C CYS E 139 6.24 -20.55 -6.94
N ARG E 140 6.16 -21.73 -7.54
CA ARG E 140 6.51 -21.90 -8.94
C ARG E 140 5.34 -21.73 -9.90
N ARG E 141 4.15 -21.46 -9.41
CA ARG E 141 3.00 -21.34 -10.30
C ARG E 141 3.07 -19.99 -11.03
N PRO E 142 2.87 -19.97 -12.35
CA PRO E 142 2.97 -18.70 -13.08
C PRO E 142 1.77 -17.81 -12.82
N ARG E 143 2.03 -16.51 -12.76
CA ARG E 143 1.03 -15.57 -12.27
C ARG E 143 -0.05 -15.31 -13.32
N HIS E 144 0.26 -15.55 -14.58
CA HIS E 144 -0.71 -15.35 -15.65
C HIS E 144 -1.40 -16.63 -16.05
N LEU E 145 -1.36 -17.66 -15.22
CA LEU E 145 -1.94 -18.95 -15.58
C LEU E 145 -3.45 -18.90 -15.53
N SER E 146 -4.00 -18.07 -14.64
CA SER E 146 -5.44 -17.96 -14.51
C SER E 146 -6.06 -17.28 -15.72
N ALA E 147 -5.40 -16.22 -16.21
CA ALA E 147 -5.88 -15.49 -17.37
C ALA E 147 -5.77 -16.32 -18.64
N VAL E 148 -4.66 -17.06 -18.78
CA VAL E 148 -4.45 -17.98 -19.90
C VAL E 148 -5.49 -19.08 -19.93
N VAL E 149 -5.73 -19.72 -18.79
CA VAL E 149 -6.67 -20.84 -18.73
C VAL E 149 -8.11 -20.35 -18.88
N CYS E 150 -8.39 -19.11 -18.43
CA CYS E 150 -9.69 -18.51 -18.61
C CYS E 150 -9.98 -18.18 -20.08
N VAL E 151 -9.00 -17.62 -20.80
CA VAL E 151 -9.26 -17.26 -22.19
C VAL E 151 -9.27 -18.49 -23.09
N LEU E 152 -8.53 -19.55 -22.72
CA LEU E 152 -8.64 -20.79 -23.50
C LEU E 152 -9.96 -21.51 -23.26
N LEU E 153 -10.46 -21.52 -22.03
CA LEU E 153 -11.73 -22.21 -21.79
C LEU E 153 -12.90 -21.40 -22.32
N TRP E 154 -12.80 -20.08 -22.28
CA TRP E 154 -13.81 -19.23 -22.90
C TRP E 154 -13.77 -19.33 -24.41
N ALA E 155 -12.58 -19.43 -25.00
CA ALA E 155 -12.44 -19.53 -26.45
C ALA E 155 -12.93 -20.88 -26.96
N LEU E 156 -12.67 -21.96 -26.21
CA LEU E 156 -13.12 -23.27 -26.64
C LEU E 156 -14.63 -23.45 -26.43
N SER E 157 -15.17 -22.84 -25.37
CA SER E 157 -16.62 -22.85 -25.19
C SER E 157 -17.34 -22.03 -26.24
N LEU E 158 -16.75 -20.90 -26.62
CA LEU E 158 -17.29 -20.06 -27.69
C LEU E 158 -17.20 -20.77 -29.04
N LEU E 159 -16.10 -21.50 -29.27
CA LEU E 159 -15.89 -22.24 -30.51
C LEU E 159 -16.91 -23.37 -30.66
N LEU E 160 -17.11 -24.16 -29.60
CA LEU E 160 -18.11 -25.21 -29.61
C LEU E 160 -19.52 -24.66 -29.72
N SER E 161 -19.76 -23.48 -29.16
CA SER E 161 -21.09 -22.87 -29.23
C SER E 161 -21.41 -22.34 -30.62
N ILE E 162 -20.48 -21.65 -31.28
CA ILE E 162 -20.76 -21.11 -32.60
C ILE E 162 -20.80 -22.22 -33.64
N LEU E 163 -19.99 -23.28 -33.41
CA LEU E 163 -19.98 -24.41 -34.31
C LEU E 163 -21.28 -25.21 -34.21
N GLU E 164 -21.78 -25.38 -32.99
CA GLU E 164 -23.04 -26.09 -32.80
C GLU E 164 -24.22 -25.26 -33.29
N GLY E 165 -24.23 -23.95 -33.02
CA GLY E 165 -25.31 -23.11 -33.48
C GLY E 165 -25.29 -22.83 -34.96
N LYS E 166 -24.14 -23.01 -35.61
CA LYS E 166 -24.07 -22.85 -37.05
C LYS E 166 -24.45 -24.16 -37.74
N PHE E 167 -24.21 -25.30 -37.08
CA PHE E 167 -24.63 -26.56 -37.71
C PHE E 167 -26.05 -26.95 -37.33
N CYS E 168 -26.62 -26.36 -36.29
CA CYS E 168 -28.02 -26.64 -35.96
C CYS E 168 -28.97 -25.54 -36.43
N GLY E 169 -28.46 -24.52 -37.11
CA GLY E 169 -29.32 -23.54 -37.74
C GLY E 169 -29.69 -22.35 -36.89
N PHE E 170 -29.05 -22.15 -35.75
CA PHE E 170 -29.29 -20.95 -34.97
C PHE E 170 -28.52 -19.76 -35.51
N LEU E 171 -27.48 -20.01 -36.30
CA LEU E 171 -26.65 -18.97 -36.89
C LEU E 171 -26.97 -18.87 -38.37
N PHE E 172 -27.86 -17.94 -38.71
CA PHE E 172 -28.21 -17.51 -40.07
C PHE E 172 -28.82 -18.65 -40.90
N SER E 173 -29.61 -19.49 -40.23
CA SER E 173 -30.59 -20.46 -40.75
C SER E 173 -30.11 -21.45 -41.80
N ASP E 174 -28.81 -21.69 -41.90
CA ASP E 174 -28.30 -22.82 -42.67
C ASP E 174 -27.81 -23.89 -41.71
N GLY E 175 -28.15 -25.15 -41.99
CA GLY E 175 -27.72 -26.20 -41.10
C GLY E 175 -28.23 -27.58 -41.43
N ASP E 176 -27.39 -28.59 -41.22
CA ASP E 176 -27.73 -29.98 -41.48
C ASP E 176 -27.72 -30.74 -40.16
N SER E 177 -28.72 -31.58 -39.98
CA SER E 177 -28.90 -32.32 -38.76
C SER E 177 -27.83 -33.32 -38.43
N GLY E 178 -27.41 -34.05 -39.44
CA GLY E 178 -26.52 -35.17 -39.23
C GLY E 178 -25.19 -34.78 -38.62
N TRP E 179 -24.78 -33.53 -38.82
CA TRP E 179 -23.65 -32.94 -38.13
C TRP E 179 -24.06 -32.19 -36.88
N CYS E 180 -25.32 -31.73 -36.81
CA CYS E 180 -25.81 -31.05 -35.62
C CYS E 180 -25.95 -31.99 -34.44
N GLN E 181 -26.40 -33.23 -34.66
CA GLN E 181 -26.41 -34.19 -33.57
C GLN E 181 -25.02 -34.68 -33.23
N THR E 182 -24.06 -34.66 -34.17
CA THR E 182 -22.74 -35.16 -33.85
C THR E 182 -21.91 -34.10 -33.14
N PHE E 183 -22.34 -32.84 -33.21
CA PHE E 183 -21.71 -31.83 -32.36
C PHE E 183 -22.47 -31.61 -31.06
N ASP E 184 -23.77 -31.89 -31.01
CA ASP E 184 -24.47 -31.96 -29.73
C ASP E 184 -23.99 -33.10 -28.85
N PHE E 185 -23.63 -34.23 -29.44
CA PHE E 185 -22.98 -35.31 -28.68
C PHE E 185 -21.59 -34.92 -28.21
N ILE E 186 -20.89 -34.08 -28.98
CA ILE E 186 -19.55 -33.62 -28.58
C ILE E 186 -19.63 -32.69 -27.38
N THR E 187 -20.60 -31.77 -27.39
CA THR E 187 -20.84 -30.90 -26.24
C THR E 187 -21.34 -31.68 -25.02
N ALA E 188 -22.11 -32.74 -25.23
CA ALA E 188 -22.54 -33.57 -24.09
C ALA E 188 -21.37 -34.36 -23.50
N ALA E 189 -20.46 -34.84 -24.36
CA ALA E 189 -19.29 -35.57 -23.88
C ALA E 189 -18.33 -34.64 -23.16
N TRP E 190 -18.22 -33.39 -23.64
CA TRP E 190 -17.42 -32.38 -22.96
C TRP E 190 -18.02 -32.00 -21.62
N LEU E 191 -19.34 -32.02 -21.51
CA LEU E 191 -19.97 -31.68 -20.23
C LEU E 191 -19.82 -32.78 -19.20
N ILE E 192 -19.91 -34.06 -19.61
CA ILE E 192 -19.69 -35.13 -18.64
C ILE E 192 -18.21 -35.27 -18.32
N PHE E 193 -17.33 -34.84 -19.23
CA PHE E 193 -15.91 -34.75 -18.92
C PHE E 193 -15.63 -33.67 -17.88
N LEU E 194 -16.33 -32.53 -17.98
CA LEU E 194 -16.15 -31.47 -16.98
C LEU E 194 -16.71 -31.89 -15.62
N PHE E 195 -17.78 -32.66 -15.63
CA PHE E 195 -18.29 -33.23 -14.39
C PHE E 195 -17.34 -34.25 -13.77
N MET E 196 -16.68 -35.06 -14.59
CA MET E 196 -15.77 -36.03 -14.02
C MET E 196 -14.46 -35.39 -13.60
N VAL E 197 -14.09 -34.25 -14.20
CA VAL E 197 -12.91 -33.51 -13.75
C VAL E 197 -13.19 -32.84 -12.41
N LEU E 198 -14.40 -32.28 -12.24
CA LEU E 198 -14.79 -31.68 -10.97
C LEU E 198 -14.90 -32.73 -9.87
N CYS E 199 -15.40 -33.92 -10.18
CA CYS E 199 -15.45 -34.98 -9.18
C CYS E 199 -14.10 -35.57 -8.86
N GLY E 200 -13.22 -35.75 -9.85
CA GLY E 200 -11.90 -36.28 -9.57
C GLY E 200 -11.02 -35.34 -8.78
N SER E 201 -11.10 -34.04 -9.09
CA SER E 201 -10.34 -33.05 -8.34
C SER E 201 -10.90 -32.84 -6.94
N SER E 202 -12.24 -32.76 -6.80
CA SER E 202 -12.85 -32.63 -5.49
C SER E 202 -12.77 -33.90 -4.65
N LEU E 203 -12.49 -35.04 -5.26
CA LEU E 203 -12.27 -36.25 -4.50
C LEU E 203 -10.81 -36.40 -4.07
N ALA E 204 -9.86 -36.02 -4.93
CA ALA E 204 -8.45 -36.08 -4.56
C ALA E 204 -8.11 -35.06 -3.49
N LEU E 205 -8.75 -33.89 -3.56
CA LEU E 205 -8.58 -32.88 -2.52
C LEU E 205 -9.18 -33.34 -1.20
N LEU E 206 -10.29 -34.07 -1.24
CA LEU E 206 -10.91 -34.54 -0.01
C LEU E 206 -10.16 -35.72 0.57
N VAL E 207 -9.53 -36.53 -0.27
CA VAL E 207 -8.70 -37.64 0.21
C VAL E 207 -7.46 -37.10 0.91
N ARG E 208 -6.82 -36.08 0.32
CA ARG E 208 -5.65 -35.49 0.96
C ARG E 208 -6.00 -34.68 2.20
N ILE E 209 -7.17 -34.05 2.23
CA ILE E 209 -7.57 -33.30 3.41
C ILE E 209 -8.04 -34.20 4.56
N LEU E 210 -8.75 -35.29 4.28
CA LEU E 210 -9.22 -36.13 5.37
C LEU E 210 -8.24 -37.24 5.70
N CYS E 211 -7.17 -37.41 4.94
CA CYS E 211 -6.15 -38.39 5.31
C CYS E 211 -4.91 -37.75 5.89
N GLY E 212 -4.52 -36.58 5.37
CA GLY E 212 -3.22 -36.01 5.68
C GLY E 212 -3.18 -34.55 6.07
N SER E 213 -4.11 -34.09 6.90
CA SER E 213 -4.11 -32.71 7.38
C SER E 213 -3.59 -32.62 8.80
N ARG E 214 -3.25 -31.40 9.21
CA ARG E 214 -3.01 -31.15 10.62
C ARG E 214 -3.73 -29.92 11.17
N GLY E 215 -3.90 -28.87 10.39
CA GLY E 215 -4.48 -27.68 10.97
C GLY E 215 -5.76 -27.12 10.36
N LEU E 216 -6.47 -27.94 9.60
CA LEU E 216 -7.54 -27.38 8.79
C LEU E 216 -8.90 -27.53 9.47
N PRO E 217 -9.86 -26.65 9.16
CA PRO E 217 -11.26 -26.93 9.55
C PRO E 217 -11.90 -27.95 8.63
N LEU E 218 -12.04 -29.21 9.08
CA LEU E 218 -12.33 -30.28 8.15
C LEU E 218 -13.80 -30.37 7.81
N THR E 219 -14.69 -29.97 8.73
CA THR E 219 -16.11 -30.10 8.50
C THR E 219 -16.61 -29.07 7.50
N ARG E 220 -16.13 -27.84 7.62
CA ARG E 220 -16.53 -26.77 6.70
C ARG E 220 -15.95 -27.00 5.32
N LEU E 221 -14.73 -27.52 5.25
CA LEU E 221 -14.09 -27.83 3.97
C LEU E 221 -14.78 -28.99 3.28
N TYR E 222 -15.15 -30.03 4.05
CA TYR E 222 -15.86 -31.19 3.50
C TYR E 222 -17.24 -30.80 2.98
N LEU E 223 -17.97 -30.00 3.76
CA LEU E 223 -19.32 -29.57 3.37
C LEU E 223 -19.30 -28.64 2.18
N THR E 224 -18.29 -27.76 2.10
CA THR E 224 -18.19 -26.84 0.98
C THR E 224 -17.82 -27.55 -0.31
N ILE E 225 -16.95 -28.56 -0.22
CA ILE E 225 -16.52 -29.29 -1.41
C ILE E 225 -17.67 -30.13 -1.99
N LEU E 226 -18.37 -30.90 -1.14
CA LEU E 226 -19.47 -31.68 -1.70
C LEU E 226 -20.69 -30.80 -1.98
N LEU E 227 -20.76 -29.61 -1.40
CA LEU E 227 -21.78 -28.64 -1.75
C LEU E 227 -21.59 -28.13 -3.16
N THR E 228 -20.36 -27.81 -3.55
CA THR E 228 -20.09 -27.42 -4.94
C THR E 228 -20.31 -28.57 -5.90
N VAL E 229 -19.98 -29.80 -5.48
CA VAL E 229 -20.18 -30.97 -6.34
C VAL E 229 -21.66 -31.24 -6.59
N LEU E 230 -22.49 -31.15 -5.55
CA LEU E 230 -23.91 -31.42 -5.73
C LEU E 230 -24.61 -30.27 -6.43
N VAL E 231 -24.15 -29.03 -6.22
CA VAL E 231 -24.75 -27.88 -6.90
C VAL E 231 -24.44 -27.93 -8.40
N PHE E 232 -23.22 -28.36 -8.76
CA PHE E 232 -22.86 -28.67 -10.14
C PHE E 232 -23.76 -29.74 -10.75
N LEU E 233 -23.82 -30.91 -10.09
CA LEU E 233 -24.49 -32.08 -10.66
C LEU E 233 -26.00 -31.91 -10.78
N LEU E 234 -26.63 -31.28 -9.79
CA LEU E 234 -28.07 -31.19 -9.87
C LEU E 234 -28.56 -29.81 -10.24
N CYS E 235 -27.69 -28.86 -10.56
CA CYS E 235 -28.18 -27.58 -11.05
C CYS E 235 -27.54 -27.11 -12.34
N GLY E 236 -26.24 -27.32 -12.54
CA GLY E 236 -25.62 -26.80 -13.73
C GLY E 236 -25.83 -27.73 -14.89
N LEU E 237 -25.33 -28.95 -14.75
CA LEU E 237 -25.45 -30.06 -15.68
C LEU E 237 -26.80 -30.46 -16.28
N PRO E 238 -27.97 -30.41 -15.58
CA PRO E 238 -29.22 -30.90 -16.20
C PRO E 238 -29.71 -30.19 -17.45
N PHE E 239 -29.46 -28.89 -17.60
CA PHE E 239 -29.82 -28.19 -18.83
C PHE E 239 -28.98 -28.65 -20.00
N GLY E 240 -27.71 -28.91 -19.75
CA GLY E 240 -26.84 -29.35 -20.82
C GLY E 240 -27.12 -30.77 -21.25
N ILE E 241 -27.52 -31.63 -20.30
CA ILE E 241 -27.90 -33.00 -20.68
C ILE E 241 -29.24 -33.00 -21.39
N GLN E 242 -30.20 -32.19 -20.94
CA GLN E 242 -31.48 -32.16 -21.63
C GLN E 242 -31.44 -31.35 -22.92
N TRP E 243 -30.41 -30.57 -23.15
CA TRP E 243 -30.36 -29.78 -24.36
C TRP E 243 -29.49 -30.41 -25.42
N PHE E 244 -28.33 -30.96 -25.04
CA PHE E 244 -27.42 -31.51 -26.03
C PHE E 244 -27.52 -33.01 -26.18
N LEU E 245 -28.17 -33.73 -25.27
CA LEU E 245 -28.15 -35.18 -25.41
C LEU E 245 -29.52 -35.85 -25.31
N ILE E 246 -30.41 -35.36 -24.45
CA ILE E 246 -31.61 -36.12 -24.12
C ILE E 246 -32.66 -35.97 -25.21
N LEU E 247 -32.57 -34.88 -25.98
CA LEU E 247 -33.55 -34.63 -27.03
C LEU E 247 -33.31 -35.51 -28.25
N TRP E 248 -32.10 -36.03 -28.40
CA TRP E 248 -31.85 -36.95 -29.50
C TRP E 248 -32.10 -38.39 -29.12
N ILE E 249 -31.91 -38.74 -27.85
CA ILE E 249 -31.99 -40.15 -27.48
C ILE E 249 -33.37 -40.50 -26.93
N TRP E 250 -34.14 -39.51 -26.48
CA TRP E 250 -35.46 -39.82 -25.93
C TRP E 250 -36.52 -39.85 -27.02
N LYS E 251 -36.26 -39.18 -28.16
CA LYS E 251 -37.06 -39.07 -29.41
C LYS E 251 -38.55 -38.77 -29.19
N ASP E 252 -38.89 -37.97 -28.18
CA ASP E 252 -40.24 -37.45 -27.98
C ASP E 252 -40.13 -35.94 -27.85
N SER E 253 -40.96 -35.21 -28.60
CA SER E 253 -40.65 -33.82 -28.89
C SER E 253 -41.50 -32.83 -28.09
N ASP E 254 -42.72 -33.24 -27.69
CA ASP E 254 -43.64 -32.30 -27.06
C ASP E 254 -43.93 -32.65 -25.60
N VAL E 255 -44.38 -33.89 -25.34
CA VAL E 255 -45.18 -34.20 -24.15
C VAL E 255 -44.31 -34.28 -22.90
N LEU E 256 -43.04 -34.62 -23.06
CA LEU E 256 -42.13 -34.54 -21.93
C LEU E 256 -41.36 -33.23 -21.96
N PHE E 257 -41.14 -32.69 -23.17
CA PHE E 257 -40.19 -31.62 -23.38
C PHE E 257 -40.69 -30.30 -22.82
N CYS E 258 -42.02 -30.08 -22.86
CA CYS E 258 -42.59 -28.86 -22.26
C CYS E 258 -42.52 -28.88 -20.74
N HIS E 259 -42.30 -30.05 -20.14
CA HIS E 259 -42.11 -30.10 -18.70
C HIS E 259 -40.62 -30.10 -18.33
N ILE E 260 -39.79 -30.79 -19.11
CA ILE E 260 -38.42 -31.01 -18.66
C ILE E 260 -37.49 -29.91 -19.15
N HIS E 261 -37.89 -29.11 -20.14
CA HIS E 261 -37.09 -27.95 -20.51
C HIS E 261 -37.14 -26.80 -19.49
N PRO E 262 -38.31 -26.24 -19.07
CA PRO E 262 -38.22 -25.05 -18.21
C PRO E 262 -37.85 -25.36 -16.78
N VAL E 263 -38.04 -26.59 -16.32
CA VAL E 263 -37.53 -26.96 -15.00
C VAL E 263 -36.01 -27.09 -15.03
N SER E 264 -35.45 -27.42 -16.21
CA SER E 264 -34.01 -27.41 -16.39
C SER E 264 -33.48 -25.99 -16.44
N VAL E 265 -34.25 -25.06 -17.00
CA VAL E 265 -33.80 -23.67 -17.03
C VAL E 265 -33.90 -23.05 -15.63
N VAL E 266 -34.87 -23.50 -14.83
CA VAL E 266 -34.98 -23.08 -13.43
C VAL E 266 -33.78 -23.60 -12.63
N LEU E 267 -33.35 -24.84 -12.91
CA LEU E 267 -32.17 -25.40 -12.25
C LEU E 267 -30.89 -24.69 -12.66
N SER E 268 -30.78 -24.30 -13.93
CA SER E 268 -29.60 -23.60 -14.43
C SER E 268 -29.51 -22.19 -13.88
N SER E 269 -30.65 -21.51 -13.79
CA SER E 269 -30.68 -20.19 -13.19
C SER E 269 -30.40 -20.25 -11.70
N LEU E 270 -30.80 -21.36 -11.05
CA LEU E 270 -30.44 -21.57 -9.65
C LEU E 270 -28.95 -21.80 -9.50
N ASN E 271 -28.33 -22.47 -10.47
CA ASN E 271 -26.88 -22.65 -10.48
C ASN E 271 -26.15 -21.32 -10.68
N SER E 272 -26.58 -20.53 -11.67
CA SER E 272 -25.92 -19.25 -11.94
C SER E 272 -26.25 -18.18 -10.92
N SER E 273 -27.29 -18.39 -10.11
CA SER E 273 -27.55 -17.52 -8.98
C SER E 273 -26.78 -17.96 -7.73
N ALA E 274 -26.56 -19.26 -7.57
CA ALA E 274 -25.87 -19.75 -6.39
C ALA E 274 -24.37 -19.62 -6.49
N ASN E 275 -23.83 -19.62 -7.71
CA ASN E 275 -22.39 -19.49 -7.92
C ASN E 275 -21.73 -18.18 -7.45
N PRO E 276 -22.34 -16.97 -7.55
CA PRO E 276 -21.66 -15.81 -6.94
C PRO E 276 -21.61 -15.85 -5.43
N ILE E 277 -22.64 -16.42 -4.79
CA ILE E 277 -22.67 -16.54 -3.34
C ILE E 277 -21.61 -17.52 -2.86
N ILE E 278 -21.62 -18.73 -3.40
CA ILE E 278 -20.73 -19.81 -3.00
C ILE E 278 -19.27 -19.53 -3.34
N TYR E 279 -18.99 -18.88 -4.46
CA TYR E 279 -17.59 -18.69 -4.81
C TYR E 279 -17.05 -17.30 -4.49
N PHE E 280 -17.88 -16.33 -4.12
CA PHE E 280 -17.34 -15.05 -3.67
C PHE E 280 -17.84 -14.64 -2.30
N PHE E 281 -19.16 -14.68 -2.05
CA PHE E 281 -19.72 -13.98 -0.90
C PHE E 281 -19.50 -14.78 0.37
N VAL E 282 -19.71 -16.09 0.31
CA VAL E 282 -19.43 -17.00 1.42
C VAL E 282 -17.94 -17.01 1.75
N GLY E 283 -17.09 -16.92 0.74
CA GLY E 283 -15.65 -17.02 0.98
C GLY E 283 -15.04 -15.72 1.45
N SER E 284 -15.63 -14.58 1.09
CA SER E 284 -14.95 -13.32 1.39
C SER E 284 -15.71 -12.47 2.41
N PHE E 285 -17.04 -12.37 2.28
CA PHE E 285 -17.83 -11.44 3.09
C PHE E 285 -18.31 -12.05 4.39
N ARG E 286 -17.55 -12.99 4.98
CA ARG E 286 -17.85 -13.47 6.32
C ARG E 286 -17.40 -12.48 7.39
N LYS E 287 -16.61 -11.47 6.99
CA LYS E 287 -16.27 -10.31 7.80
C LYS E 287 -17.48 -9.51 8.29
N GLN E 288 -18.61 -9.57 7.58
CA GLN E 288 -19.74 -8.71 7.92
C GLN E 288 -20.52 -9.27 9.10
N TRP E 289 -20.76 -10.58 9.11
CA TRP E 289 -21.48 -11.21 10.22
C TRP E 289 -21.03 -12.66 10.42
C1 CLR F . -8.59 -11.29 -18.58
C2 CLR F . -7.48 -11.21 -17.54
C3 CLR F . -7.91 -10.26 -16.42
C4 CLR F . -9.08 -10.90 -15.71
C5 CLR F . -10.20 -11.11 -16.67
C6 CLR F . -11.42 -10.95 -16.19
C7 CLR F . -12.63 -10.93 -17.06
C8 CLR F . -12.44 -11.84 -18.27
C9 CLR F . -11.07 -11.60 -18.96
C10 CLR F . -9.91 -11.83 -17.96
C11 CLR F . -10.93 -12.51 -20.21
C12 CLR F . -12.10 -12.33 -21.19
C13 CLR F . -13.49 -12.51 -20.50
C14 CLR F . -13.55 -11.56 -19.28
C15 CLR F . -15.03 -11.65 -18.78
C16 CLR F . -15.83 -11.91 -20.10
C17 CLR F . -14.75 -11.92 -21.26
C18 CLR F . -13.69 -13.97 -20.01
C19 CLR F . -9.76 -13.32 -17.64
C20 CLR F . -15.29 -12.41 -22.76
C21 CLR F . -16.83 -12.52 -22.81
C22 CLR F . -14.67 -13.64 -23.49
C23 CLR F . -13.63 -13.18 -24.49
C24 CLR F . -12.60 -14.27 -24.71
C25 CLR F . -12.58 -14.70 -26.17
C26 CLR F . -11.17 -15.05 -26.59
C27 CLR F . -13.49 -15.89 -26.36
O1 CLR F . -6.84 -10.13 -15.55
C10 6IB G . -32.51 -28.40 -34.21
C13 6IB G . -33.88 -27.13 -30.33
C15 6IB G . -31.68 -27.84 -29.22
C17 6IB G . -32.97 -29.78 -34.60
C20 6IB G . -33.63 -30.67 -33.73
C21 6IB G . -39.40 -27.96 -32.65
C22 6IB G . -34.07 -31.98 -34.07
C24 6IB G . -32.73 -30.24 -35.89
C26 6IB G . -34.79 -32.91 -33.10
C28 6IB G . -33.80 -32.36 -35.37
C7 6IB G . -34.74 -26.95 -31.40
C8 6IB G . -33.01 -27.93 -32.86
C9 6IB G . -36.12 -26.35 -31.18
C11 6IB G . -32.59 -27.69 -30.45
C12 6IB G . -34.28 -27.38 -32.67
C14 6IB G . -32.20 -28.08 -31.73
C16 6IB G . -37.30 -27.31 -31.44
C18 6IB G . -30.94 -29.19 -29.08
C19 6IB G . -38.32 -27.09 -32.40
C23 6IB G . -37.39 -28.51 -30.72
C25 6IB G . -40.50 -27.70 -33.68
C27 6IB G . -39.43 -29.13 -31.90
C29 6IB G . -38.44 -29.40 -30.95
C30 6IB G . -33.15 -31.52 -36.26
C31 6IB G . -41.92 -28.28 -33.34
C32 6IB G . -35.37 -32.29 -31.79
C33 6IB G . -35.56 -25.90 -33.94
C34 6IB G . -29.52 -28.12 -30.73
C35 6IB G . -35.76 -30.04 -30.07
C36 6IB G . -31.24 -30.06 -37.70
C37 6IB G . -43.39 -30.23 -33.75
C38 6IB G . -37.36 -32.40 -30.28
N4 6IB G . -29.92 -29.40 -30.12
N5 6IB G . -42.42 -29.28 -34.33
N6 6IB G . -36.41 -33.15 -31.12
O1 6IB G . -35.12 -27.22 -33.74
O2 6IB G . -36.46 -28.84 -29.78
O3 6IB G . -32.09 -29.42 -36.77
#